data_8HA0
#
_entry.id   8HA0
#
_cell.length_a   1.00
_cell.length_b   1.00
_cell.length_c   1.00
_cell.angle_alpha   90.00
_cell.angle_beta   90.00
_cell.angle_gamma   90.00
#
_symmetry.space_group_name_H-M   'P 1'
#
loop_
_entity.id
_entity.type
_entity.pdbx_description
1 polymer 'Guanine nucleotide-binding protein g(s) subunit alpha'
2 polymer 'Guanine nucleotide-binding protein G(I)/G(S)/G(T) subunit beta-1'
3 polymer 'Guanine nucleotide-binding protein G(I)/G(S)/G(O) subunit gamma-2'
4 polymer 'Nanobody 35'
5 polymer 'Parathyroid hormone'
6 polymer 'Parathyroid hormone/parathyroid hormone-related peptide receptor'
7 non-polymer CHOLESTEROL
8 non-polymer 'PALMITIC ACID'
#
loop_
_entity_poly.entity_id
_entity_poly.type
_entity_poly.pdbx_seq_one_letter_code
_entity_poly.pdbx_strand_id
1 'polypeptide(L)'
;MGCTLSAEDKAAVERSKMIEKQLQKDKQVYRATHRLLLLGADNSGKSTIVKQMRIYHVNGYSEEECKQYKAVVYSNTIQS
IIAIIRAMGRLKIDFGDSARADDARQLFVLAGAAEEGFMTAELAGVIKRLWKDSGVQACFNRSREYQLNDSAAYYLNDLD
RIAQPNYIPTQQDVLRTRVKTSGIFETKFQVDKVNFHMFDVGAQRDERRKWIQCFNDVTAIIFVVDSSDYNRLQEALNDF
KSIWNNRWLRTISVILFLNKQDLLAEKVLAGKSKIEDYFPEFARYTTPEDATPEPGEDPRVTRAKYFIRDEFLRISTASG
DGRHYCYPHFTCSVDTENARRIFNDCRDIIQRMHLRQYELL
;
A
2 'polypeptide(L)'
;MHHHHHHSSGLVPRGSHMASHHHHHHHHHHGSLLQSELDQLRQEAEQLKNQIRDARKACADATLSQITNNIDPVGRIQMR
TRRTLRGHLAKIYAMHWGTDSRLLVSASQDGKLIIWDSYTTNKVHAIPLRSSWVMTCAYAPSGNYVACGGLDNICSIYNL
KTREGNVRVSRELAGHTGYLSCCRFLDDNQIVTSSGDTTCALWDIETGQQTTTFTGHTGDVMSLSLAPDTRLFVSGACDA
SAKLWDVREGMCRQTFTGHESDINAICFFPNGNAFATGSDDATCRLFDLRADQELMTYSHDNIICGITSVSFSKSGRLLL
AGYDDFNCNVWDALKADRAGVLAGHDNRVSCLGVTDDGMAVATGSWDSFLKIWNGSSGGGGSGGGGSSGVSGWRLFKKIS
;
B
3 'polypeptide(L)' MASNNTASIAQARKLVEQLKMEANIDRIKVSKAAADLMAYCEAHAKEDPLLTPVPASENPFREKKFFCAIL G
4 'polypeptide(L)'
;MAQVQLQESGGGLVQPGGSLRLSCAASGFTFSNYKMNWVRQAPGKGLEWVSDISQSGASISYTGSVKGRFTISRDNAKNT
LYLQMNSLKPEDTAVYYCARCPAPFTRDCFDVTSTTYAYRGQGTQVTVSSHHHHHHEPEA
;
N
5 'polypeptide(L)' SVSEIQLMHNLGKHLNSMERVEWLRKKLQDVHNF P
6 'polypeptide(L)'
;DADDVMTKEEQIFLLHRAQAQCEKRLKEVLQRPASIMESDKGWTSASTSGKPRKDKASGKLYPESEEDKEAPTGSRYRGR
PCLPEWDHILCWPLGAPGEVVAVPCPDYIYDFNHKGHAYRRCDRNGSWELVPGHNRTWANYSECVKFLTNETREREVFDR
LAMIYTVGYSVSLASLTVAVLILAYFRRLHCTRNYIHMHLFLSFMLRAVSIFVKDAVLYSGATLDEAERLTEEELRAIAQ
APPPPATAAAGYAGCRVAVTFFLYFLATNYYWILVEGLYLHSLIFMAFFSEKKYLWGFTVFGWGLPAVFVAVWVSVRATL
ANTGCWDLSSGNKKWIIQVPILASIVLNFILFINIVRVLATKLRETNAGRCDTRQQYRKLLKSTLVLMPLFGVHYIVFMA
TPYTEVSGTLWQVQMHYEMLFNSFQGFFVAIIYCFCNGEVQAEIKKSWSRWTLALDFRRKARSGSSSYSYGPMVSH
;
R
#
loop_
_chem_comp.id
_chem_comp.type
_chem_comp.name
_chem_comp.formula
CLR non-polymer CHOLESTEROL 'C27 H46 O'
PLM non-polymer 'PALMITIC ACID' 'C16 H32 O2'
#
# COMPACT_ATOMS: atom_id res chain seq x y z
N LEU A 5 34.68 18.68 2.73
CA LEU A 5 34.56 17.30 2.17
C LEU A 5 35.87 16.87 1.51
N SER A 6 36.46 15.79 2.02
CA SER A 6 37.71 15.29 1.48
C SER A 6 37.52 14.79 0.06
N ALA A 7 38.66 14.49 -0.59
CA ALA A 7 38.60 13.97 -1.96
C ALA A 7 38.02 12.58 -2.01
N GLU A 8 38.39 11.72 -1.04
CA GLU A 8 37.82 10.37 -1.00
C GLU A 8 36.32 10.42 -0.78
N ASP A 9 35.87 11.28 0.15
CA ASP A 9 34.44 11.42 0.38
C ASP A 9 33.73 11.95 -0.85
N LYS A 10 34.37 12.87 -1.59
CA LYS A 10 33.75 13.40 -2.80
C LYS A 10 33.63 12.31 -3.86
N ALA A 11 34.66 11.50 -4.04
CA ALA A 11 34.58 10.40 -4.99
C ALA A 11 33.50 9.40 -4.58
N ALA A 12 33.40 9.12 -3.28
CA ALA A 12 32.35 8.22 -2.81
C ALA A 12 30.96 8.79 -3.09
N VAL A 13 30.80 10.10 -2.89
CA VAL A 13 29.50 10.73 -3.15
C VAL A 13 29.17 10.69 -4.64
N GLU A 14 30.19 10.88 -5.48
CA GLU A 14 29.96 10.80 -6.93
C GLU A 14 29.56 9.39 -7.33
N ARG A 15 30.24 8.38 -6.79
CA ARG A 15 29.84 7.00 -7.07
C ARG A 15 28.43 6.73 -6.59
N SER A 16 28.07 7.27 -5.43
CA SER A 16 26.71 7.08 -4.91
C SER A 16 25.68 7.73 -5.81
N LYS A 17 26.00 8.92 -6.34
CA LYS A 17 25.07 9.58 -7.26
C LYS A 17 24.91 8.81 -8.56
N MET A 18 26.02 8.25 -9.07
CA MET A 18 25.92 7.41 -10.27
C MET A 18 25.06 6.19 -9.99
N ILE A 19 25.26 5.54 -8.83
CA ILE A 19 24.44 4.38 -8.48
C ILE A 19 22.98 4.79 -8.33
N GLU A 20 22.72 5.99 -7.81
CA GLU A 20 21.35 6.46 -7.68
C GLU A 20 20.71 6.69 -9.03
N LYS A 21 21.47 7.24 -9.99
CA LYS A 21 20.95 7.40 -11.34
C LYS A 21 20.64 6.04 -11.96
N GLN A 22 21.53 5.07 -11.80
CA GLN A 22 21.28 3.73 -12.31
C GLN A 22 20.03 3.13 -11.66
N LEU A 23 19.87 3.33 -10.35
CA LEU A 23 18.71 2.80 -9.66
C LEU A 23 17.42 3.50 -10.09
N GLN A 24 17.51 4.79 -10.44
CA GLN A 24 16.33 5.47 -10.95
C GLN A 24 15.93 4.95 -12.33
N LYS A 25 16.93 4.71 -13.19
CA LYS A 25 16.64 4.07 -14.48
C LYS A 25 15.98 2.71 -14.26
N ASP A 26 16.52 1.91 -13.34
CA ASP A 26 15.94 0.61 -13.05
C ASP A 26 14.54 0.73 -12.48
N LYS A 27 14.29 1.78 -11.69
CA LYS A 27 12.96 2.01 -11.14
C LYS A 27 11.97 2.33 -12.23
N GLN A 28 12.35 3.18 -13.18
CA GLN A 28 11.49 3.44 -14.33
C GLN A 28 11.20 2.16 -15.08
N VAL A 29 12.24 1.37 -15.38
CA VAL A 29 12.05 0.14 -16.15
C VAL A 29 11.18 -0.86 -15.39
N TYR A 30 11.26 -0.85 -14.06
CA TYR A 30 10.50 -1.81 -13.25
C TYR A 30 9.04 -1.39 -13.14
N ARG A 31 8.79 -0.14 -12.78
CA ARG A 31 7.42 0.36 -12.70
C ARG A 31 6.74 0.35 -14.06
N ALA A 32 7.51 0.36 -15.16
CA ALA A 32 6.93 0.24 -16.48
C ALA A 32 6.52 -1.18 -16.83
N THR A 33 6.97 -2.17 -16.06
CA THR A 33 6.69 -3.58 -16.32
C THR A 33 5.79 -4.16 -15.25
N HIS A 34 5.13 -5.26 -15.60
CA HIS A 34 4.24 -5.98 -14.70
C HIS A 34 4.70 -7.43 -14.58
N ARG A 35 4.32 -8.06 -13.47
CA ARG A 35 4.66 -9.44 -13.18
C ARG A 35 3.39 -10.27 -12.98
N LEU A 36 3.50 -11.56 -13.29
CA LEU A 36 2.37 -12.48 -13.16
C LEU A 36 2.87 -13.82 -12.64
N LEU A 37 1.95 -14.58 -12.05
CA LEU A 37 2.25 -15.91 -11.51
C LEU A 37 1.29 -16.92 -12.11
N LEU A 38 1.83 -18.03 -12.60
CA LEU A 38 1.05 -19.10 -13.20
C LEU A 38 1.01 -20.28 -12.25
N LEU A 39 -0.19 -20.70 -11.87
CA LEU A 39 -0.40 -21.81 -10.96
C LEU A 39 -1.37 -22.81 -11.56
N GLY A 40 -1.33 -24.03 -11.05
CA GLY A 40 -2.19 -25.10 -11.51
C GLY A 40 -1.52 -26.44 -11.34
N ALA A 41 -2.35 -27.49 -11.30
CA ALA A 41 -1.85 -28.84 -11.16
C ALA A 41 -1.23 -29.33 -12.47
N ASP A 42 -0.58 -30.49 -12.39
CA ASP A 42 0.06 -31.06 -13.56
C ASP A 42 -0.95 -31.43 -14.64
N ASN A 43 -2.16 -31.83 -14.23
CA ASN A 43 -3.18 -32.23 -15.19
C ASN A 43 -3.70 -31.06 -16.02
N SER A 44 -3.37 -29.82 -15.65
CA SER A 44 -3.83 -28.65 -16.37
C SER A 44 -2.88 -28.31 -17.51
N GLY A 45 -3.42 -27.63 -18.53
CA GLY A 45 -2.64 -27.26 -19.68
C GLY A 45 -1.80 -26.02 -19.49
N LYS A 46 -1.00 -26.00 -18.42
CA LYS A 46 -0.14 -24.85 -18.17
C LYS A 46 0.92 -24.69 -19.26
N SER A 47 1.63 -25.78 -19.56
CA SER A 47 2.66 -25.72 -20.60
C SER A 47 2.06 -25.36 -21.95
N THR A 48 0.81 -25.77 -22.19
CA THR A 48 0.15 -25.43 -23.45
C THR A 48 0.01 -23.93 -23.61
N ILE A 49 -0.57 -23.27 -22.60
CA ILE A 49 -0.73 -21.82 -22.66
C ILE A 49 0.62 -21.13 -22.67
N VAL A 50 1.59 -21.69 -21.95
CA VAL A 50 2.94 -21.11 -21.95
C VAL A 50 3.51 -21.08 -23.36
N LYS A 51 3.47 -22.23 -24.05
CA LYS A 51 3.97 -22.28 -25.42
C LYS A 51 3.16 -21.37 -26.33
N GLN A 52 1.84 -21.34 -26.16
CA GLN A 52 1.00 -20.49 -27.01
C GLN A 52 1.41 -19.03 -26.89
N MET A 53 1.54 -18.52 -25.65
CA MET A 53 1.95 -17.15 -25.46
C MET A 53 3.42 -16.91 -25.80
N ARG A 54 4.22 -17.97 -25.86
CA ARG A 54 5.64 -17.81 -26.18
C ARG A 54 5.86 -17.69 -27.68
N ILE A 55 5.32 -18.65 -28.45
CA ILE A 55 5.52 -18.63 -29.90
C ILE A 55 4.90 -17.38 -30.53
N TYR A 56 3.88 -16.82 -29.88
CA TYR A 56 3.23 -15.60 -30.37
C TYR A 56 3.79 -14.34 -29.73
N HIS A 57 4.22 -14.41 -28.47
CA HIS A 57 4.80 -13.27 -27.77
C HIS A 57 3.78 -12.15 -27.58
N VAL A 58 2.51 -12.42 -27.90
CA VAL A 58 1.47 -11.41 -27.75
C VAL A 58 0.15 -12.09 -27.37
N THR A 181 16.12 -27.96 -10.26
CA THR A 181 17.28 -27.65 -11.09
C THR A 181 17.21 -26.20 -11.57
N SER A 182 16.17 -25.88 -12.34
CA SER A 182 16.01 -24.52 -12.84
C SER A 182 15.36 -23.60 -11.82
N GLY A 183 14.51 -24.16 -10.96
CA GLY A 183 13.86 -23.37 -9.93
C GLY A 183 12.57 -22.72 -10.39
N ILE A 184 12.68 -21.71 -11.24
CA ILE A 184 11.53 -20.96 -11.72
C ILE A 184 11.75 -20.58 -13.18
N PHE A 185 10.71 -20.76 -14.00
CA PHE A 185 10.75 -20.37 -15.40
C PHE A 185 10.11 -19.00 -15.56
N GLU A 186 10.50 -18.30 -16.63
CA GLU A 186 10.00 -16.97 -16.92
C GLU A 186 9.67 -16.85 -18.40
N THR A 187 8.51 -16.27 -18.69
CA THR A 187 8.06 -16.05 -20.06
C THR A 187 7.57 -14.61 -20.19
N LYS A 188 8.16 -13.86 -21.10
CA LYS A 188 7.85 -12.46 -21.31
C LYS A 188 7.05 -12.28 -22.60
N PHE A 189 5.95 -11.54 -22.51
CA PHE A 189 5.11 -11.25 -23.66
C PHE A 189 4.61 -9.81 -23.56
N GLN A 190 4.27 -9.25 -24.72
CA GLN A 190 3.85 -7.86 -24.82
C GLN A 190 2.42 -7.80 -25.35
N VAL A 191 1.62 -6.90 -24.78
CA VAL A 191 0.24 -6.68 -25.21
C VAL A 191 -0.02 -5.18 -25.22
N ASP A 192 -0.27 -4.63 -26.41
CA ASP A 192 -0.52 -3.21 -26.57
C ASP A 192 0.63 -2.37 -26.00
N LYS A 193 1.85 -2.78 -26.36
CA LYS A 193 3.09 -2.12 -25.95
C LYS A 193 3.34 -2.21 -24.45
N VAL A 194 2.64 -3.10 -23.75
CA VAL A 194 2.80 -3.29 -22.31
C VAL A 194 3.48 -4.64 -22.09
N ASN A 195 4.60 -4.62 -21.37
CA ASN A 195 5.37 -5.82 -21.12
C ASN A 195 4.81 -6.54 -19.89
N PHE A 196 4.64 -7.86 -20.03
CA PHE A 196 4.13 -8.71 -18.96
C PHE A 196 5.11 -9.84 -18.70
N HIS A 197 5.29 -10.19 -17.42
CA HIS A 197 6.20 -11.25 -17.01
C HIS A 197 5.42 -12.30 -16.25
N MET A 198 5.33 -13.50 -16.81
CA MET A 198 4.65 -14.63 -16.19
C MET A 198 5.68 -15.68 -15.79
N PHE A 199 5.63 -16.09 -14.53
CA PHE A 199 6.55 -17.08 -13.98
C PHE A 199 5.80 -18.38 -13.72
N ASP A 200 6.45 -19.50 -14.05
CA ASP A 200 5.89 -20.83 -13.86
C ASP A 200 6.87 -21.69 -13.08
N VAL A 201 6.37 -22.37 -12.04
CA VAL A 201 7.22 -23.22 -11.23
C VAL A 201 7.54 -24.49 -12.02
N GLY A 202 8.83 -24.69 -12.30
CA GLY A 202 9.26 -25.84 -13.08
C GLY A 202 9.88 -26.93 -12.24
N ALA A 203 10.67 -26.54 -11.23
CA ALA A 203 11.37 -27.50 -10.38
C ALA A 203 11.34 -26.97 -8.95
N GLN A 204 10.38 -27.46 -8.16
CA GLN A 204 10.26 -27.06 -6.77
C GLN A 204 9.59 -28.18 -5.99
N ARG A 205 9.79 -28.17 -4.68
CA ARG A 205 9.23 -29.20 -3.82
C ARG A 205 7.72 -29.04 -3.72
N ASP A 206 7.05 -30.13 -3.31
CA ASP A 206 5.60 -30.11 -3.22
C ASP A 206 5.11 -29.07 -2.22
N GLU A 207 5.83 -28.90 -1.11
CA GLU A 207 5.43 -27.91 -0.11
C GLU A 207 5.56 -26.51 -0.68
N ARG A 208 4.45 -25.77 -0.70
CA ARG A 208 4.40 -24.44 -1.31
C ARG A 208 4.08 -23.35 -0.30
N ARG A 209 4.00 -23.66 0.98
CA ARG A 209 3.64 -22.64 1.98
C ARG A 209 4.70 -21.57 2.11
N LYS A 210 5.95 -21.86 1.73
CA LYS A 210 7.05 -20.93 1.96
C LYS A 210 7.31 -20.03 0.74
N TRP A 211 7.62 -20.61 -0.40
CA TRP A 211 7.99 -19.81 -1.56
C TRP A 211 6.79 -19.08 -2.17
N ILE A 212 5.58 -19.46 -1.82
CA ILE A 212 4.40 -18.76 -2.34
C ILE A 212 4.36 -17.34 -1.78
N GLN A 213 4.93 -17.12 -0.60
CA GLN A 213 4.95 -15.79 -0.01
C GLN A 213 5.74 -14.80 -0.85
N CYS A 214 6.66 -15.28 -1.69
CA CYS A 214 7.46 -14.37 -2.51
C CYS A 214 6.60 -13.60 -3.49
N PHE A 215 5.45 -14.16 -3.90
CA PHE A 215 4.58 -13.53 -4.88
C PHE A 215 3.43 -12.76 -4.24
N ASN A 216 3.64 -12.21 -3.04
CA ASN A 216 2.59 -11.45 -2.36
C ASN A 216 2.40 -10.05 -2.92
N ASP A 217 3.17 -9.66 -3.95
CA ASP A 217 3.05 -8.33 -4.55
C ASP A 217 2.90 -8.40 -6.06
N VAL A 218 2.55 -9.57 -6.61
CA VAL A 218 2.39 -9.69 -8.05
C VAL A 218 1.11 -8.99 -8.49
N THR A 219 1.02 -8.73 -9.79
CA THR A 219 -0.17 -8.06 -10.33
C THR A 219 -1.39 -8.96 -10.25
N ALA A 220 -1.24 -10.24 -10.59
CA ALA A 220 -2.35 -11.18 -10.55
C ALA A 220 -1.79 -12.59 -10.58
N ILE A 221 -2.61 -13.54 -10.12
CA ILE A 221 -2.26 -14.95 -10.08
C ILE A 221 -3.16 -15.68 -11.06
N ILE A 222 -2.56 -16.23 -12.12
CA ILE A 222 -3.29 -16.95 -13.15
C ILE A 222 -3.47 -18.39 -12.68
N PHE A 223 -4.70 -18.75 -12.34
CA PHE A 223 -5.02 -20.09 -11.84
C PHE A 223 -5.70 -20.86 -12.97
N VAL A 224 -5.02 -21.90 -13.45
CA VAL A 224 -5.53 -22.75 -14.51
C VAL A 224 -6.03 -24.05 -13.89
N VAL A 225 -7.23 -24.48 -14.31
CA VAL A 225 -7.87 -25.66 -13.76
C VAL A 225 -8.33 -26.55 -14.91
N ASP A 226 -8.26 -27.86 -14.71
CA ASP A 226 -8.77 -28.82 -15.68
C ASP A 226 -10.24 -29.08 -15.37
N SER A 227 -11.11 -28.37 -16.09
CA SER A 227 -12.55 -28.48 -15.82
C SER A 227 -13.11 -29.86 -16.15
N SER A 228 -12.42 -30.63 -16.99
CA SER A 228 -12.89 -31.95 -17.38
C SER A 228 -12.48 -33.04 -16.40
N ASP A 229 -11.69 -32.71 -15.37
CA ASP A 229 -11.22 -33.69 -14.39
C ASP A 229 -12.10 -33.57 -13.15
N TYR A 230 -13.23 -34.28 -13.16
CA TYR A 230 -14.14 -34.24 -12.03
C TYR A 230 -13.50 -34.82 -10.78
N ASN A 231 -12.83 -35.96 -10.91
CA ASN A 231 -12.26 -36.63 -9.74
C ASN A 231 -11.20 -35.78 -9.06
N ARG A 232 -10.54 -34.90 -9.81
CA ARG A 232 -9.52 -34.01 -9.26
C ARG A 232 -9.99 -32.57 -9.14
N LEU A 233 -11.24 -32.27 -9.52
CA LEU A 233 -11.74 -30.91 -9.38
C LEU A 233 -11.76 -30.46 -7.93
N GLN A 234 -11.98 -31.40 -7.00
CA GLN A 234 -11.98 -31.04 -5.58
C GLN A 234 -10.59 -30.60 -5.13
N GLU A 235 -9.55 -31.23 -5.68
CA GLU A 235 -8.19 -30.80 -5.36
C GLU A 235 -7.94 -29.37 -5.83
N ALA A 236 -8.39 -29.04 -7.04
CA ALA A 236 -8.24 -27.69 -7.54
C ALA A 236 -9.03 -26.70 -6.68
N LEU A 237 -10.22 -27.09 -6.25
CA LEU A 237 -11.02 -26.22 -5.39
C LEU A 237 -10.31 -25.97 -4.07
N ASN A 238 -9.74 -27.02 -3.47
CA ASN A 238 -9.01 -26.86 -2.21
C ASN A 238 -7.78 -25.97 -2.40
N ASP A 239 -7.07 -26.15 -3.51
CA ASP A 239 -5.90 -25.32 -3.78
C ASP A 239 -6.29 -23.86 -3.95
N PHE A 240 -7.39 -23.60 -4.65
CA PHE A 240 -7.86 -22.22 -4.82
C PHE A 240 -8.27 -21.63 -3.49
N LYS A 241 -8.96 -22.42 -2.64
CA LYS A 241 -9.35 -21.93 -1.33
C LYS A 241 -8.13 -21.59 -0.49
N SER A 242 -7.09 -22.43 -0.55
CA SER A 242 -5.88 -22.17 0.21
C SER A 242 -5.18 -20.90 -0.28
N ILE A 243 -5.07 -20.76 -1.61
CA ILE A 243 -4.41 -19.58 -2.17
C ILE A 243 -5.21 -18.32 -1.86
N TRP A 244 -6.52 -18.43 -1.74
CA TRP A 244 -7.36 -17.26 -1.52
C TRP A 244 -7.28 -16.79 -0.07
N ASN A 245 -7.29 -17.73 0.87
CA ASN A 245 -7.32 -17.43 2.30
C ASN A 245 -5.92 -17.32 2.91
N ASN A 246 -4.90 -17.05 2.10
CA ASN A 246 -3.55 -16.91 2.64
C ASN A 246 -3.38 -15.57 3.33
N ARG A 247 -2.50 -15.55 4.34
CA ARG A 247 -2.25 -14.32 5.09
C ARG A 247 -1.67 -13.24 4.20
N TRP A 248 -0.74 -13.60 3.31
CA TRP A 248 -0.02 -12.62 2.51
C TRP A 248 -0.63 -12.37 1.15
N LEU A 249 -1.49 -13.26 0.66
CA LEU A 249 -2.17 -13.07 -0.62
C LEU A 249 -3.55 -12.46 -0.45
N ARG A 250 -3.81 -11.78 0.67
CA ARG A 250 -5.11 -11.18 0.89
C ARG A 250 -5.41 -10.05 -0.08
N THR A 251 -4.36 -9.42 -0.63
CA THR A 251 -4.52 -8.29 -1.54
C THR A 251 -4.09 -8.60 -2.96
N ILE A 252 -3.94 -9.88 -3.30
CA ILE A 252 -3.52 -10.30 -4.63
C ILE A 252 -4.72 -10.94 -5.33
N SER A 253 -5.02 -10.46 -6.53
CA SER A 253 -6.12 -11.00 -7.30
C SER A 253 -5.71 -12.30 -7.99
N VAL A 254 -6.69 -13.16 -8.25
CA VAL A 254 -6.47 -14.45 -8.87
C VAL A 254 -7.32 -14.55 -10.12
N ILE A 255 -6.68 -14.84 -11.25
CA ILE A 255 -7.39 -15.00 -12.52
C ILE A 255 -7.65 -16.49 -12.72
N LEU A 256 -8.92 -16.87 -12.69
CA LEU A 256 -9.32 -18.28 -12.80
C LEU A 256 -9.58 -18.59 -14.27
N PHE A 257 -8.79 -19.53 -14.82
CA PHE A 257 -8.95 -19.98 -16.20
C PHE A 257 -9.50 -21.40 -16.16
N LEU A 258 -10.75 -21.57 -16.57
CA LEU A 258 -11.37 -22.90 -16.69
C LEU A 258 -10.90 -23.52 -18.00
N ASN A 259 -9.67 -24.04 -17.96
CA ASN A 259 -9.02 -24.55 -19.16
C ASN A 259 -9.61 -25.90 -19.55
N LYS A 260 -9.36 -26.30 -20.80
CA LYS A 260 -9.80 -27.58 -21.33
C LYS A 260 -11.32 -27.68 -21.31
N GLN A 261 -11.96 -26.77 -22.04
CA GLN A 261 -13.41 -26.78 -22.14
C GLN A 261 -13.90 -27.77 -23.19
N ASP A 262 -13.11 -28.02 -24.22
CA ASP A 262 -13.51 -28.99 -25.24
C ASP A 262 -13.66 -30.39 -24.65
N LEU A 263 -12.71 -30.79 -23.80
CA LEU A 263 -12.79 -32.10 -23.17
C LEU A 263 -13.99 -32.18 -22.24
N LEU A 264 -14.27 -31.09 -21.52
CA LEU A 264 -15.44 -31.07 -20.64
C LEU A 264 -16.73 -31.22 -21.45
N ALA A 265 -16.83 -30.50 -22.57
CA ALA A 265 -18.01 -30.60 -23.41
C ALA A 265 -18.17 -32.01 -23.97
N GLU A 266 -17.06 -32.60 -24.42
CA GLU A 266 -17.13 -33.96 -24.96
C GLU A 266 -17.57 -34.96 -23.89
N LYS A 267 -17.03 -34.81 -22.68
CA LYS A 267 -17.39 -35.72 -21.59
C LYS A 267 -18.85 -35.55 -21.19
N VAL A 268 -19.35 -34.31 -21.20
CA VAL A 268 -20.75 -34.09 -20.86
C VAL A 268 -21.66 -34.65 -21.94
N LEU A 269 -21.27 -34.51 -23.21
CA LEU A 269 -22.08 -35.05 -24.29
C LEU A 269 -22.07 -36.56 -24.29
N ALA A 270 -20.95 -37.17 -23.88
CA ALA A 270 -20.87 -38.62 -23.84
C ALA A 270 -21.87 -39.20 -22.84
N GLY A 271 -21.90 -38.66 -21.63
CA GLY A 271 -22.83 -39.11 -20.61
C GLY A 271 -22.34 -40.28 -19.78
N LYS A 272 -21.12 -40.76 -20.01
CA LYS A 272 -20.62 -41.89 -19.23
C LYS A 272 -20.37 -41.49 -17.78
N SER A 273 -19.75 -40.33 -17.56
CA SER A 273 -19.47 -39.83 -16.22
C SER A 273 -20.34 -38.62 -15.96
N LYS A 274 -20.93 -38.56 -14.76
CA LYS A 274 -21.82 -37.49 -14.36
C LYS A 274 -21.27 -36.81 -13.12
N ILE A 275 -21.46 -35.48 -13.04
CA ILE A 275 -20.95 -34.72 -11.91
C ILE A 275 -21.74 -35.00 -10.64
N GLU A 276 -22.93 -35.58 -10.76
CA GLU A 276 -23.75 -35.86 -9.58
C GLU A 276 -23.00 -36.69 -8.56
N ASP A 277 -22.19 -37.65 -9.01
CA ASP A 277 -21.47 -38.51 -8.08
C ASP A 277 -20.41 -37.72 -7.32
N TYR A 278 -19.55 -37.01 -8.03
CA TYR A 278 -18.50 -36.24 -7.37
C TYR A 278 -19.07 -35.04 -6.61
N PHE A 279 -20.18 -34.49 -7.09
CA PHE A 279 -20.82 -33.34 -6.45
C PHE A 279 -22.32 -33.59 -6.37
N PRO A 280 -22.84 -34.03 -5.22
CA PRO A 280 -24.28 -34.32 -5.16
C PRO A 280 -25.15 -33.10 -5.28
N GLU A 281 -24.71 -31.94 -4.80
CA GLU A 281 -25.52 -30.73 -4.89
C GLU A 281 -25.79 -30.29 -6.32
N PHE A 282 -25.09 -30.87 -7.31
CA PHE A 282 -25.31 -30.49 -8.69
C PHE A 282 -26.71 -30.86 -9.18
N ALA A 283 -27.36 -31.84 -8.54
CA ALA A 283 -28.68 -32.25 -8.99
C ALA A 283 -29.70 -31.14 -8.86
N ARG A 284 -29.46 -30.18 -7.96
CA ARG A 284 -30.38 -29.08 -7.72
C ARG A 284 -29.93 -27.78 -8.37
N TYR A 285 -28.76 -27.77 -9.02
CA TYR A 285 -28.25 -26.54 -9.63
C TYR A 285 -28.93 -26.29 -10.96
N THR A 286 -29.27 -25.02 -11.22
CA THR A 286 -29.85 -24.60 -12.48
C THR A 286 -28.95 -23.57 -13.14
N THR A 287 -29.01 -23.51 -14.46
CA THR A 287 -28.16 -22.59 -15.20
C THR A 287 -28.50 -21.15 -14.80
N PRO A 288 -27.49 -20.29 -14.59
CA PRO A 288 -27.79 -18.90 -14.22
C PRO A 288 -28.60 -18.21 -15.31
N GLU A 289 -29.29 -17.14 -14.90
CA GLU A 289 -30.11 -16.39 -15.85
C GLU A 289 -29.25 -15.50 -16.75
N ASP A 290 -28.12 -15.02 -16.25
CA ASP A 290 -27.21 -14.15 -17.00
C ASP A 290 -26.21 -14.94 -17.83
N ALA A 291 -26.49 -16.22 -18.11
CA ALA A 291 -25.56 -17.03 -18.88
C ALA A 291 -25.54 -16.61 -20.34
N THR A 292 -24.34 -16.53 -20.91
CA THR A 292 -24.13 -16.22 -22.32
C THR A 292 -23.38 -17.38 -22.97
N PRO A 293 -24.06 -18.47 -23.27
CA PRO A 293 -23.39 -19.64 -23.82
C PRO A 293 -23.05 -19.47 -25.29
N GLU A 294 -22.11 -20.29 -25.75
CA GLU A 294 -21.73 -20.28 -27.14
C GLU A 294 -22.93 -20.70 -28.00
N PRO A 295 -23.15 -20.05 -29.15
CA PRO A 295 -24.36 -20.37 -29.94
C PRO A 295 -24.61 -21.85 -30.14
N GLY A 296 -23.61 -22.60 -30.58
CA GLY A 296 -23.76 -24.02 -30.82
C GLY A 296 -23.44 -24.87 -29.59
N GLU A 297 -23.83 -24.38 -28.41
CA GLU A 297 -23.56 -25.06 -27.16
C GLU A 297 -24.81 -25.77 -26.66
N ASP A 298 -24.63 -27.00 -26.17
CA ASP A 298 -25.74 -27.75 -25.62
C ASP A 298 -26.08 -27.23 -24.22
N PRO A 299 -27.36 -27.22 -23.84
CA PRO A 299 -27.71 -26.75 -22.50
C PRO A 299 -26.96 -27.47 -21.39
N ARG A 300 -26.65 -28.75 -21.55
CA ARG A 300 -25.95 -29.48 -20.51
C ARG A 300 -24.52 -28.97 -20.33
N VAL A 301 -23.85 -28.68 -21.44
CA VAL A 301 -22.46 -28.20 -21.35
C VAL A 301 -22.40 -26.87 -20.62
N THR A 302 -23.27 -25.93 -21.01
CA THR A 302 -23.29 -24.63 -20.34
C THR A 302 -23.70 -24.78 -18.88
N ARG A 303 -24.67 -25.66 -18.60
CA ARG A 303 -25.07 -25.88 -17.22
C ARG A 303 -23.89 -26.35 -16.38
N ALA A 304 -23.14 -27.33 -16.88
CA ALA A 304 -22.02 -27.87 -16.12
C ALA A 304 -20.91 -26.83 -15.95
N LYS A 305 -20.58 -26.09 -17.02
CA LYS A 305 -19.50 -25.12 -16.91
C LYS A 305 -19.87 -23.99 -15.98
N TYR A 306 -21.13 -23.53 -16.01
CA TYR A 306 -21.55 -22.49 -15.08
C TYR A 306 -21.66 -23.02 -13.66
N PHE A 307 -21.98 -24.30 -13.49
CA PHE A 307 -21.95 -24.89 -12.16
C PHE A 307 -20.54 -24.88 -11.59
N ILE A 308 -19.55 -25.26 -12.42
CA ILE A 308 -18.17 -25.22 -11.97
C ILE A 308 -17.75 -23.78 -11.65
N ARG A 309 -18.14 -22.84 -12.50
CA ARG A 309 -17.82 -21.44 -12.27
C ARG A 309 -18.39 -20.95 -10.95
N ASP A 310 -19.65 -21.30 -10.66
CA ASP A 310 -20.27 -20.88 -9.41
C ASP A 310 -19.64 -21.57 -8.22
N GLU A 311 -19.25 -22.84 -8.37
CA GLU A 311 -18.56 -23.54 -7.28
C GLU A 311 -17.25 -22.85 -6.95
N PHE A 312 -16.54 -22.37 -7.97
CA PHE A 312 -15.29 -21.64 -7.72
C PHE A 312 -15.57 -20.26 -7.14
N LEU A 313 -16.63 -19.60 -7.60
CA LEU A 313 -16.93 -18.26 -7.12
C LEU A 313 -17.36 -18.28 -5.65
N ARG A 314 -18.18 -19.26 -5.26
CA ARG A 314 -18.60 -19.34 -3.86
C ARG A 314 -17.40 -19.43 -2.93
N ILE A 315 -16.32 -20.08 -3.37
CA ILE A 315 -15.10 -20.10 -2.58
C ILE A 315 -14.38 -18.77 -2.69
N SER A 316 -14.38 -18.17 -3.88
CA SER A 316 -13.73 -16.88 -4.06
C SER A 316 -14.50 -15.75 -3.36
N THR A 317 -15.83 -15.84 -3.34
CA THR A 317 -16.68 -14.80 -2.75
C THR A 317 -17.00 -15.06 -1.28
N ALA A 318 -16.51 -16.16 -0.71
CA ALA A 318 -16.80 -16.45 0.69
C ALA A 318 -16.10 -15.48 1.63
N SER A 319 -14.99 -14.88 1.20
CA SER A 319 -14.27 -13.93 2.02
C SER A 319 -13.40 -13.06 1.11
N GLY A 320 -12.89 -11.98 1.69
CA GLY A 320 -12.03 -11.07 0.94
C GLY A 320 -12.31 -9.62 1.23
N ASP A 321 -13.56 -9.30 1.57
CA ASP A 321 -13.98 -7.94 1.90
C ASP A 321 -13.79 -6.97 0.72
N GLY A 322 -13.65 -7.49 -0.49
CA GLY A 322 -13.58 -6.67 -1.67
C GLY A 322 -12.24 -6.03 -1.96
N ARG A 323 -11.20 -6.36 -1.20
CA ARG A 323 -9.87 -5.82 -1.48
C ARG A 323 -9.16 -6.55 -2.61
N HIS A 324 -9.55 -7.80 -2.88
CA HIS A 324 -9.02 -8.55 -4.02
C HIS A 324 -10.16 -9.35 -4.64
N TYR A 325 -10.18 -9.38 -5.97
CA TYR A 325 -11.27 -9.98 -6.72
C TYR A 325 -10.76 -11.13 -7.58
N CYS A 326 -11.71 -11.90 -8.12
CA CYS A 326 -11.43 -13.01 -9.00
C CYS A 326 -12.08 -12.77 -10.36
N TYR A 327 -11.38 -13.14 -11.42
CA TYR A 327 -11.82 -12.93 -12.80
C TYR A 327 -11.89 -14.27 -13.51
N PRO A 328 -13.02 -14.98 -13.44
CA PRO A 328 -13.12 -16.27 -14.13
C PRO A 328 -13.31 -16.11 -15.63
N HIS A 329 -12.75 -17.06 -16.37
CA HIS A 329 -12.84 -17.06 -17.83
C HIS A 329 -12.82 -18.49 -18.33
N PHE A 330 -13.47 -18.71 -19.46
CA PHE A 330 -13.49 -20.02 -20.11
C PHE A 330 -12.37 -20.08 -21.15
N THR A 331 -11.47 -21.04 -20.98
CA THR A 331 -10.29 -21.16 -21.82
C THR A 331 -10.17 -22.59 -22.34
N CYS A 332 -9.50 -22.74 -23.48
CA CYS A 332 -9.29 -24.04 -24.11
C CYS A 332 -7.82 -24.39 -24.30
N SER A 333 -6.90 -23.49 -23.95
CA SER A 333 -5.46 -23.65 -24.08
C SER A 333 -4.98 -23.43 -25.50
N VAL A 334 -5.87 -23.14 -26.45
CA VAL A 334 -5.47 -22.89 -27.83
C VAL A 334 -5.99 -21.56 -28.35
N ASP A 335 -7.02 -20.97 -27.75
CA ASP A 335 -7.51 -19.68 -28.21
C ASP A 335 -6.44 -18.61 -28.01
N THR A 336 -6.21 -17.80 -29.05
CA THR A 336 -5.18 -16.78 -28.99
C THR A 336 -5.58 -15.58 -28.14
N GLU A 337 -6.83 -15.51 -27.67
CA GLU A 337 -7.30 -14.38 -26.88
C GLU A 337 -6.85 -14.44 -25.43
N ASN A 338 -6.16 -15.51 -25.02
CA ASN A 338 -5.70 -15.60 -23.63
C ASN A 338 -4.86 -14.39 -23.26
N ALA A 339 -3.97 -13.96 -24.15
CA ALA A 339 -3.17 -12.77 -23.87
C ALA A 339 -4.05 -11.54 -23.70
N ARG A 340 -5.06 -11.38 -24.56
CA ARG A 340 -5.97 -10.24 -24.43
C ARG A 340 -6.76 -10.32 -23.13
N ARG A 341 -7.18 -11.53 -22.75
CA ARG A 341 -7.91 -11.69 -21.49
C ARG A 341 -7.04 -11.30 -20.31
N ILE A 342 -5.79 -11.75 -20.29
CA ILE A 342 -4.88 -11.40 -19.19
C ILE A 342 -4.62 -9.90 -19.18
N PHE A 343 -4.48 -9.29 -20.36
CA PHE A 343 -4.28 -7.85 -20.43
C PHE A 343 -5.47 -7.10 -19.85
N ASN A 344 -6.68 -7.52 -20.22
CA ASN A 344 -7.88 -6.86 -19.70
C ASN A 344 -7.98 -7.04 -18.19
N ASP A 345 -7.67 -8.25 -17.70
CA ASP A 345 -7.72 -8.49 -16.26
C ASP A 345 -6.73 -7.59 -15.52
N CYS A 346 -5.50 -7.50 -16.03
CA CYS A 346 -4.50 -6.65 -15.41
C CYS A 346 -4.92 -5.18 -15.43
N ARG A 347 -5.49 -4.73 -16.54
CA ARG A 347 -5.96 -3.35 -16.64
C ARG A 347 -7.05 -3.08 -15.62
N ASP A 348 -8.02 -3.99 -15.51
CA ASP A 348 -9.10 -3.81 -14.53
C ASP A 348 -8.55 -3.80 -13.12
N ILE A 349 -7.61 -4.69 -12.81
CA ILE A 349 -7.04 -4.74 -11.47
C ILE A 349 -6.31 -3.44 -11.14
N ILE A 350 -5.51 -2.94 -12.09
CA ILE A 350 -4.76 -1.71 -11.85
C ILE A 350 -5.71 -0.53 -11.69
N GLN A 351 -6.78 -0.50 -12.47
CA GLN A 351 -7.74 0.60 -12.35
C GLN A 351 -8.47 0.56 -11.01
N ARG A 352 -8.85 -0.65 -10.57
CA ARG A 352 -9.51 -0.78 -9.27
C ARG A 352 -8.57 -0.40 -8.14
N MET A 353 -7.29 -0.74 -8.27
CA MET A 353 -6.30 -0.35 -7.26
C MET A 353 -6.16 1.17 -7.22
N HIS A 354 -6.02 1.80 -8.38
CA HIS A 354 -5.91 3.25 -8.43
C HIS A 354 -7.15 3.91 -7.83
N LEU A 355 -8.33 3.33 -8.07
CA LEU A 355 -9.56 3.90 -7.54
C LEU A 355 -9.62 3.75 -6.02
N ARG A 356 -9.15 2.62 -5.50
CA ARG A 356 -9.20 2.41 -4.05
C ARG A 356 -8.31 3.41 -3.32
N GLN A 357 -7.26 3.91 -3.98
CA GLN A 357 -6.42 4.93 -3.35
C GLN A 357 -7.23 6.19 -3.06
N TYR A 358 -8.20 6.52 -3.91
CA TYR A 358 -9.06 7.67 -3.70
C TYR A 358 -10.29 7.34 -2.86
N GLU A 359 -10.39 6.12 -2.34
CA GLU A 359 -11.51 5.71 -1.49
C GLU A 359 -12.85 5.81 -2.22
N LEU A 360 -12.84 5.54 -3.53
CA LEU A 360 -14.07 5.59 -4.31
C LEU A 360 -14.77 4.23 -4.36
N LEU A 361 -14.03 3.14 -4.19
CA LEU A 361 -14.63 1.80 -4.22
C LEU A 361 -14.98 1.34 -2.81
N GLU B 37 8.53 -56.09 9.21
CA GLU B 37 9.86 -55.41 9.22
C GLU B 37 9.71 -53.95 9.68
N LEU B 38 8.88 -53.20 8.96
CA LEU B 38 8.69 -51.79 9.30
C LEU B 38 8.17 -51.63 10.73
N ASP B 39 7.34 -52.56 11.20
CA ASP B 39 6.82 -52.46 12.56
C ASP B 39 7.95 -52.54 13.58
N GLN B 40 8.87 -53.48 13.40
CA GLN B 40 10.00 -53.60 14.33
C GLN B 40 10.89 -52.37 14.28
N LEU B 41 11.11 -51.83 13.08
CA LEU B 41 11.93 -50.63 12.96
C LEU B 41 11.28 -49.45 13.67
N ARG B 42 9.97 -49.28 13.52
CA ARG B 42 9.28 -48.20 14.20
C ARG B 42 9.29 -48.40 15.71
N GLN B 43 9.14 -49.65 16.17
CA GLN B 43 9.21 -49.91 17.60
C GLN B 43 10.59 -49.57 18.16
N GLU B 44 11.65 -49.95 17.45
CA GLU B 44 12.99 -49.63 17.90
C GLU B 44 13.23 -48.13 17.89
N ALA B 45 12.71 -47.42 16.88
CA ALA B 45 12.86 -45.98 16.84
C ALA B 45 12.15 -45.33 18.02
N GLU B 46 10.94 -45.78 18.33
CA GLU B 46 10.21 -45.23 19.48
C GLU B 46 10.93 -45.54 20.77
N GLN B 47 11.50 -46.74 20.90
CA GLN B 47 12.25 -47.07 22.11
C GLN B 47 13.47 -46.17 22.26
N LEU B 48 14.21 -45.95 21.17
CA LEU B 48 15.37 -45.06 21.24
C LEU B 48 14.96 -43.63 21.56
N LYS B 49 13.82 -43.18 21.01
CA LYS B 49 13.35 -41.85 21.32
C LYS B 49 12.99 -41.72 22.79
N ASN B 50 12.32 -42.74 23.36
CA ASN B 50 11.99 -42.70 24.78
C ASN B 50 13.26 -42.73 25.62
N GLN B 51 14.26 -43.50 25.20
CA GLN B 51 15.53 -43.53 25.93
C GLN B 51 16.20 -42.16 25.92
N ILE B 52 16.21 -41.50 24.76
CA ILE B 52 16.79 -40.16 24.67
C ILE B 52 16.02 -39.18 25.54
N ARG B 53 14.68 -39.31 25.56
CA ARG B 53 13.86 -38.44 26.39
C ARG B 53 14.19 -38.63 27.87
N ASP B 54 14.31 -39.87 28.31
CA ASP B 54 14.66 -40.14 29.71
C ASP B 54 16.06 -39.60 30.02
N ALA B 55 17.00 -39.77 29.11
CA ALA B 55 18.35 -39.25 29.34
C ALA B 55 18.35 -37.73 29.46
N ARG B 56 17.56 -37.05 28.62
CA ARG B 56 17.49 -35.60 28.69
C ARG B 56 16.80 -35.14 29.97
N LYS B 57 15.77 -35.88 30.41
CA LYS B 57 15.05 -35.48 31.61
C LYS B 57 15.87 -35.74 32.87
N ALA B 58 16.72 -36.76 32.86
CA ALA B 58 17.53 -37.07 34.03
C ALA B 58 18.50 -35.95 34.34
N CYS B 59 19.03 -35.29 33.32
CA CYS B 59 19.99 -34.21 33.48
C CYS B 59 19.33 -32.86 33.70
N ALA B 60 18.00 -32.77 33.59
CA ALA B 60 17.27 -31.52 33.78
C ALA B 60 17.07 -31.28 35.27
N ASP B 61 18.18 -30.97 35.95
CA ASP B 61 18.13 -30.75 37.39
C ASP B 61 17.63 -29.35 37.75
N ALA B 62 17.94 -28.35 36.94
CA ALA B 62 17.52 -26.98 37.22
C ALA B 62 17.36 -26.23 35.90
N THR B 63 16.46 -25.26 35.91
CA THR B 63 16.17 -24.45 34.74
C THR B 63 16.90 -23.11 34.84
N LEU B 64 17.22 -22.54 33.67
CA LEU B 64 17.93 -21.26 33.63
C LEU B 64 17.12 -20.17 34.33
N SER B 65 15.80 -20.19 34.17
CA SER B 65 14.97 -19.14 34.76
C SER B 65 15.05 -19.16 36.29
N GLN B 66 15.30 -20.32 36.88
CA GLN B 66 15.31 -20.41 38.33
C GLN B 66 16.56 -19.76 38.92
N ILE B 67 17.73 -20.11 38.38
CA ILE B 67 18.98 -19.58 38.94
C ILE B 67 19.18 -18.12 38.54
N THR B 68 18.59 -17.69 37.42
CA THR B 68 18.76 -16.33 36.94
C THR B 68 17.88 -15.32 37.68
N ASN B 69 17.23 -15.73 38.78
CA ASN B 69 16.41 -14.79 39.52
C ASN B 69 17.25 -13.85 40.37
N ASN B 70 18.51 -14.19 40.61
CA ASN B 70 19.40 -13.38 41.44
C ASN B 70 20.28 -12.45 40.61
N ILE B 71 20.06 -12.37 39.30
CA ILE B 71 20.84 -11.50 38.43
C ILE B 71 20.08 -10.20 38.24
N ASP B 72 20.82 -9.09 38.14
CA ASP B 72 20.19 -7.80 37.99
C ASP B 72 19.45 -7.73 36.64
N PRO B 73 18.26 -7.13 36.60
CA PRO B 73 17.55 -7.02 35.32
C PRO B 73 18.16 -5.95 34.43
N VAL B 74 17.97 -6.15 33.12
CA VAL B 74 18.52 -5.21 32.16
C VAL B 74 17.69 -3.93 32.11
N GLY B 75 16.38 -4.04 32.36
CA GLY B 75 15.51 -2.89 32.31
C GLY B 75 15.13 -2.50 30.89
N ARG B 76 14.36 -1.42 30.79
CA ARG B 76 13.92 -0.94 29.49
C ARG B 76 15.10 -0.46 28.67
N ILE B 77 15.18 -0.93 27.43
CA ILE B 77 16.26 -0.55 26.51
C ILE B 77 15.64 0.28 25.39
N GLN B 78 16.19 1.48 25.18
CA GLN B 78 15.69 2.40 24.18
C GLN B 78 16.73 2.57 23.08
N MET B 79 16.31 2.38 21.84
CA MET B 79 17.17 2.51 20.67
C MET B 79 16.48 3.39 19.64
N ARG B 80 17.27 4.21 18.95
CA ARG B 80 16.76 5.13 17.93
C ARG B 80 17.38 4.79 16.59
N THR B 81 16.68 5.21 15.52
CA THR B 81 17.15 4.97 14.17
C THR B 81 18.22 6.01 13.81
N ARG B 82 19.46 5.55 13.65
CA ARG B 82 20.56 6.44 13.28
C ARG B 82 20.72 6.58 11.78
N ARG B 83 20.36 5.55 11.02
CA ARG B 83 20.46 5.58 9.57
C ARG B 83 19.22 4.95 8.95
N THR B 84 18.78 5.50 7.83
CA THR B 84 17.64 5.00 7.08
C THR B 84 18.08 4.74 5.65
N LEU B 85 18.34 3.47 5.33
CA LEU B 85 18.79 3.09 4.00
C LEU B 85 17.60 2.89 3.10
N ARG B 86 17.52 3.68 2.03
CA ARG B 86 16.45 3.59 1.04
C ARG B 86 17.05 3.53 -0.35
N GLY B 87 16.29 2.98 -1.29
CA GLY B 87 16.75 2.80 -2.65
C GLY B 87 16.23 1.51 -3.25
N HIS B 88 15.84 0.57 -2.40
CA HIS B 88 15.27 -0.69 -2.87
C HIS B 88 13.84 -0.45 -3.35
N LEU B 89 13.40 -1.28 -4.30
CA LEU B 89 12.09 -1.15 -4.90
C LEU B 89 11.13 -2.26 -4.49
N ALA B 90 11.63 -3.43 -4.14
CA ALA B 90 10.81 -4.56 -3.72
C ALA B 90 11.08 -4.86 -2.25
N LYS B 91 10.29 -5.77 -1.69
CA LYS B 91 10.44 -6.13 -0.29
C LYS B 91 11.83 -6.71 -0.04
N ILE B 92 12.53 -6.15 0.94
CA ILE B 92 13.84 -6.67 1.32
C ILE B 92 13.66 -8.02 1.98
N TYR B 93 14.42 -9.01 1.49
CA TYR B 93 14.30 -10.38 1.97
C TYR B 93 15.42 -10.83 2.88
N ALA B 94 16.63 -10.30 2.71
CA ALA B 94 17.75 -10.73 3.53
C ALA B 94 18.86 -9.70 3.45
N MET B 95 19.77 -9.78 4.42
CA MET B 95 20.94 -8.91 4.47
C MET B 95 22.01 -9.58 5.31
N HIS B 96 23.23 -9.06 5.20
CA HIS B 96 24.36 -9.60 5.95
C HIS B 96 25.36 -8.49 6.22
N TRP B 97 26.04 -8.59 7.35
CA TRP B 97 27.03 -7.61 7.76
C TRP B 97 28.43 -8.05 7.36
N GLY B 98 29.33 -7.07 7.21
CA GLY B 98 30.70 -7.36 6.90
C GLY B 98 31.55 -7.52 8.15
N THR B 99 32.71 -8.15 7.96
CA THR B 99 33.61 -8.38 9.08
C THR B 99 34.12 -7.06 9.67
N ASP B 100 34.19 -6.01 8.84
CA ASP B 100 34.65 -4.71 9.30
C ASP B 100 33.56 -3.88 9.94
N SER B 101 32.32 -4.37 9.97
CA SER B 101 31.18 -3.66 10.56
C SER B 101 30.92 -2.31 9.88
N ARG B 102 31.41 -2.16 8.65
CA ARG B 102 31.22 -0.93 7.87
C ARG B 102 30.30 -1.13 6.68
N LEU B 103 30.61 -2.10 5.83
CA LEU B 103 29.79 -2.40 4.65
C LEU B 103 28.77 -3.48 4.97
N LEU B 104 27.62 -3.38 4.32
CA LEU B 104 26.55 -4.36 4.48
C LEU B 104 25.82 -4.52 3.15
N VAL B 105 25.37 -5.74 2.89
CA VAL B 105 24.68 -6.08 1.65
C VAL B 105 23.22 -6.37 1.99
N SER B 106 22.32 -5.89 1.13
CA SER B 106 20.88 -6.10 1.29
C SER B 106 20.32 -6.65 0.00
N ALA B 107 19.57 -7.75 0.10
CA ALA B 107 19.01 -8.42 -1.06
C ALA B 107 17.50 -8.19 -1.10
N SER B 108 17.00 -7.76 -2.25
CA SER B 108 15.58 -7.53 -2.46
C SER B 108 15.12 -8.29 -3.69
N GLN B 109 13.82 -8.61 -3.73
CA GLN B 109 13.25 -9.36 -4.85
C GLN B 109 13.10 -8.53 -6.11
N ASP B 110 13.62 -7.31 -6.15
CA ASP B 110 13.57 -6.49 -7.34
C ASP B 110 14.67 -6.81 -8.34
N GLY B 111 15.54 -7.77 -8.02
CA GLY B 111 16.64 -8.12 -8.90
C GLY B 111 17.89 -7.30 -8.71
N LYS B 112 18.11 -6.74 -7.53
CA LYS B 112 19.27 -5.91 -7.24
C LYS B 112 19.88 -6.30 -5.91
N LEU B 113 21.21 -6.27 -5.85
CA LEU B 113 21.97 -6.57 -4.64
C LEU B 113 22.91 -5.39 -4.39
N ILE B 114 22.49 -4.47 -3.53
CA ILE B 114 23.20 -3.23 -3.30
C ILE B 114 24.03 -3.34 -2.02
N ILE B 115 25.16 -2.65 -2.02
CA ILE B 115 26.04 -2.55 -0.85
C ILE B 115 25.95 -1.13 -0.32
N TRP B 116 25.73 -0.99 0.98
CA TRP B 116 25.52 0.30 1.61
C TRP B 116 26.62 0.59 2.61
N ASP B 117 26.98 1.86 2.73
CA ASP B 117 27.95 2.32 3.71
C ASP B 117 27.17 2.70 4.98
N SER B 118 27.29 1.88 6.02
CA SER B 118 26.50 2.09 7.23
C SER B 118 26.77 3.45 7.85
N TYR B 119 27.96 4.01 7.64
CA TYR B 119 28.30 5.28 8.27
C TYR B 119 27.75 6.46 7.48
N THR B 120 28.13 6.59 6.21
CA THR B 120 27.74 7.72 5.38
C THR B 120 26.51 7.44 4.52
N THR B 121 26.02 6.21 4.51
CA THR B 121 24.85 5.79 3.73
C THR B 121 25.14 5.74 2.23
N ASN B 122 26.35 6.06 1.79
CA ASN B 122 26.67 6.03 0.38
C ASN B 122 26.75 4.59 -0.12
N LYS B 123 26.21 4.36 -1.31
CA LYS B 123 26.24 3.03 -1.92
C LYS B 123 27.57 2.79 -2.61
N VAL B 124 28.11 1.60 -2.43
CA VAL B 124 29.39 1.22 -3.02
C VAL B 124 29.20 0.48 -4.33
N HIS B 125 28.23 -0.44 -4.40
CA HIS B 125 27.98 -1.20 -5.61
C HIS B 125 26.50 -1.53 -5.69
N ALA B 126 26.00 -1.68 -6.92
CA ALA B 126 24.63 -2.07 -7.20
C ALA B 126 24.69 -3.24 -8.19
N ILE B 127 24.79 -4.45 -7.66
CA ILE B 127 24.94 -5.65 -8.48
C ILE B 127 23.59 -6.02 -9.07
N PRO B 128 23.44 -6.03 -10.40
CA PRO B 128 22.18 -6.49 -10.99
C PRO B 128 22.11 -8.02 -11.00
N LEU B 129 21.02 -8.55 -10.48
CA LEU B 129 20.84 -9.99 -10.37
C LEU B 129 20.12 -10.54 -11.59
N ARG B 130 20.52 -11.75 -11.99
CA ARG B 130 19.87 -12.40 -13.12
C ARG B 130 18.49 -12.93 -12.73
N SER B 131 18.37 -13.47 -11.52
CA SER B 131 17.11 -13.96 -10.98
C SER B 131 16.54 -12.91 -10.03
N SER B 132 15.34 -12.42 -10.35
CA SER B 132 14.73 -11.39 -9.53
C SER B 132 14.18 -11.92 -8.22
N TRP B 133 13.88 -13.22 -8.15
CA TRP B 133 13.29 -13.82 -6.95
C TRP B 133 14.40 -14.32 -6.01
N VAL B 134 15.27 -13.38 -5.62
CA VAL B 134 16.33 -13.68 -4.67
C VAL B 134 15.74 -13.74 -3.27
N MET B 135 16.29 -14.64 -2.44
CA MET B 135 15.79 -14.84 -1.09
C MET B 135 16.86 -14.71 -0.01
N THR B 136 18.15 -14.76 -0.34
CA THR B 136 19.19 -14.68 0.65
C THR B 136 20.47 -14.15 0.02
N CYS B 137 21.33 -13.58 0.87
CA CYS B 137 22.63 -13.07 0.43
C CYS B 137 23.64 -13.28 1.55
N ALA B 138 24.90 -13.29 1.17
CA ALA B 138 26.00 -13.52 2.12
C ALA B 138 27.19 -12.66 1.74
N TYR B 139 27.85 -12.11 2.76
CA TYR B 139 29.05 -11.31 2.58
C TYR B 139 30.26 -12.11 3.06
N ALA B 140 31.27 -12.23 2.21
CA ALA B 140 32.45 -13.01 2.55
C ALA B 140 33.15 -12.37 3.77
N PRO B 141 33.77 -13.19 4.62
CA PRO B 141 34.45 -12.61 5.79
C PRO B 141 35.62 -11.71 5.42
N SER B 142 36.26 -11.95 4.28
CA SER B 142 37.38 -11.13 3.82
C SER B 142 36.92 -9.89 3.05
N GLY B 143 35.65 -9.82 2.67
CA GLY B 143 35.16 -8.68 1.93
C GLY B 143 35.48 -8.69 0.46
N ASN B 144 35.86 -9.83 -0.11
CA ASN B 144 36.22 -9.93 -1.51
C ASN B 144 35.12 -10.47 -2.40
N TYR B 145 34.21 -11.29 -1.85
CA TYR B 145 33.16 -11.91 -2.62
C TYR B 145 31.82 -11.77 -1.89
N VAL B 146 30.74 -11.85 -2.66
CA VAL B 146 29.39 -11.78 -2.13
C VAL B 146 28.53 -12.79 -2.87
N ALA B 147 27.67 -13.49 -2.12
CA ALA B 147 26.82 -14.54 -2.68
C ALA B 147 25.36 -14.15 -2.53
N CYS B 148 24.52 -14.82 -3.32
CA CYS B 148 23.08 -14.58 -3.28
C CYS B 148 22.38 -15.75 -3.96
N GLY B 149 21.08 -15.86 -3.70
CA GLY B 149 20.29 -16.94 -4.26
C GLY B 149 18.85 -16.81 -3.85
N GLY B 150 18.01 -17.65 -4.46
CA GLY B 150 16.59 -17.64 -4.17
C GLY B 150 15.85 -18.77 -4.84
N LEU B 151 14.67 -18.46 -5.40
CA LEU B 151 13.86 -19.49 -6.06
C LEU B 151 14.55 -20.10 -7.27
N ASP B 152 15.62 -19.48 -7.77
CA ASP B 152 16.32 -20.00 -8.94
C ASP B 152 17.16 -21.24 -8.64
N ASN B 153 17.35 -21.56 -7.36
CA ASN B 153 18.14 -22.72 -6.92
C ASN B 153 19.61 -22.60 -7.25
N ILE B 154 20.07 -21.41 -7.65
CA ILE B 154 21.47 -21.18 -8.01
C ILE B 154 22.06 -20.19 -7.03
N CYS B 155 23.31 -20.44 -6.62
CA CYS B 155 24.05 -19.56 -5.72
C CYS B 155 25.02 -18.75 -6.56
N SER B 156 24.67 -17.49 -6.83
CA SER B 156 25.49 -16.62 -7.65
C SER B 156 26.47 -15.85 -6.76
N ILE B 157 27.76 -15.99 -7.04
CA ILE B 157 28.82 -15.32 -6.30
C ILE B 157 29.41 -14.24 -7.18
N TYR B 158 29.50 -13.02 -6.64
CA TYR B 158 30.03 -11.88 -7.37
C TYR B 158 31.32 -11.40 -6.72
N ASN B 159 32.29 -11.03 -7.55
CA ASN B 159 33.57 -10.52 -7.08
C ASN B 159 33.51 -9.01 -6.94
N LEU B 160 33.98 -8.50 -5.80
CA LEU B 160 34.01 -7.07 -5.53
C LEU B 160 35.38 -6.45 -5.71
N LYS B 161 36.41 -7.25 -5.96
CA LYS B 161 37.77 -6.77 -6.17
C LYS B 161 38.29 -7.18 -7.54
N THR B 162 37.44 -7.04 -8.56
CA THR B 162 37.84 -7.37 -9.91
C THR B 162 38.98 -6.45 -10.36
N ARG B 163 39.61 -6.82 -11.48
CA ARG B 163 40.77 -6.07 -11.94
C ARG B 163 40.38 -4.64 -12.30
N GLU B 164 39.22 -4.46 -12.91
CA GLU B 164 38.73 -3.14 -13.32
C GLU B 164 37.55 -2.68 -12.46
N GLY B 165 37.36 -3.31 -11.30
CA GLY B 165 36.26 -2.94 -10.43
C GLY B 165 34.89 -3.25 -10.98
N ASN B 166 34.80 -4.04 -12.05
CA ASN B 166 33.52 -4.40 -12.65
C ASN B 166 33.04 -5.70 -12.02
N VAL B 167 32.04 -5.60 -11.14
CA VAL B 167 31.52 -6.79 -10.48
C VAL B 167 30.92 -7.73 -11.51
N ARG B 168 31.26 -9.01 -11.40
CA ARG B 168 30.77 -10.02 -12.33
C ARG B 168 30.61 -11.33 -11.59
N VAL B 169 29.79 -12.22 -12.16
CA VAL B 169 29.56 -13.53 -11.56
C VAL B 169 30.86 -14.32 -11.59
N SER B 170 31.40 -14.62 -10.40
CA SER B 170 32.64 -15.37 -10.32
C SER B 170 32.40 -16.86 -10.50
N ARG B 171 31.35 -17.40 -9.90
CA ARG B 171 31.05 -18.83 -10.00
C ARG B 171 29.56 -19.03 -9.71
N GLU B 172 28.94 -19.92 -10.48
CA GLU B 172 27.53 -20.26 -10.33
C GLU B 172 27.43 -21.70 -9.86
N LEU B 173 26.81 -21.89 -8.69
CA LEU B 173 26.66 -23.21 -8.09
C LEU B 173 25.26 -23.75 -8.39
N ALA B 174 25.19 -24.89 -9.05
CA ALA B 174 23.94 -25.52 -9.43
C ALA B 174 23.94 -26.98 -8.98
N GLY B 175 22.74 -27.51 -8.74
CA GLY B 175 22.60 -28.89 -8.33
C GLY B 175 21.49 -29.09 -7.30
N HIS B 176 21.08 -28.02 -6.64
CA HIS B 176 20.01 -28.11 -5.65
C HIS B 176 18.66 -28.17 -6.33
N THR B 177 17.78 -29.03 -5.80
CA THR B 177 16.44 -29.21 -6.32
C THR B 177 15.40 -28.43 -5.52
N GLY B 178 15.79 -27.29 -4.95
CA GLY B 178 14.88 -26.48 -4.17
C GLY B 178 15.37 -25.05 -4.09
N TYR B 179 14.46 -24.18 -3.66
CA TYR B 179 14.79 -22.77 -3.55
C TYR B 179 15.89 -22.55 -2.54
N LEU B 180 16.87 -21.72 -2.90
CA LEU B 180 17.99 -21.41 -2.01
C LEU B 180 17.50 -20.48 -0.92
N SER B 181 17.47 -20.98 0.32
CA SER B 181 16.92 -20.23 1.45
C SER B 181 17.97 -19.44 2.22
N CYS B 182 19.21 -19.95 2.32
CA CYS B 182 20.24 -19.27 3.08
C CYS B 182 21.61 -19.78 2.64
N CYS B 183 22.63 -18.96 2.88
CA CYS B 183 24.00 -19.32 2.58
C CYS B 183 24.93 -18.45 3.42
N ARG B 184 26.06 -19.02 3.81
CA ARG B 184 27.04 -18.31 4.62
C ARG B 184 28.44 -18.74 4.21
N PHE B 185 29.33 -17.76 4.06
CA PHE B 185 30.70 -18.03 3.62
C PHE B 185 31.52 -18.58 4.77
N LEU B 186 32.18 -19.72 4.53
CA LEU B 186 33.14 -20.26 5.49
C LEU B 186 34.56 -19.78 5.21
N ASP B 187 34.89 -19.58 3.93
CA ASP B 187 36.19 -19.04 3.54
C ASP B 187 36.06 -18.53 2.11
N ASP B 188 37.18 -18.07 1.56
CA ASP B 188 37.18 -17.56 0.20
C ASP B 188 37.01 -18.64 -0.85
N ASN B 189 36.99 -19.92 -0.46
CA ASN B 189 36.86 -21.02 -1.39
C ASN B 189 35.75 -22.00 -1.05
N GLN B 190 35.18 -21.93 0.16
CA GLN B 190 34.13 -22.84 0.58
C GLN B 190 32.93 -22.05 1.08
N ILE B 191 31.74 -22.59 0.85
CA ILE B 191 30.49 -21.96 1.27
C ILE B 191 29.45 -23.05 1.48
N VAL B 192 28.69 -22.93 2.58
CA VAL B 192 27.61 -23.85 2.89
C VAL B 192 26.30 -23.20 2.46
N THR B 193 25.39 -24.02 1.90
CA THR B 193 24.14 -23.53 1.36
C THR B 193 23.01 -24.44 1.79
N SER B 194 21.83 -23.84 2.00
CA SER B 194 20.62 -24.57 2.35
C SER B 194 19.59 -24.39 1.24
N SER B 195 18.79 -25.43 1.03
CA SER B 195 17.79 -25.43 -0.03
C SER B 195 16.51 -26.05 0.49
N GLY B 196 15.42 -25.78 -0.22
CA GLY B 196 14.11 -26.31 0.14
C GLY B 196 13.94 -27.80 -0.09
N ASP B 197 14.95 -28.48 -0.64
CA ASP B 197 14.88 -29.91 -0.88
C ASP B 197 15.23 -30.73 0.36
N THR B 198 15.23 -30.12 1.54
CA THR B 198 15.54 -30.82 2.78
C THR B 198 16.96 -31.36 2.79
N THR B 199 17.90 -30.62 2.18
CA THR B 199 19.28 -31.06 2.09
C THR B 199 20.19 -29.84 2.02
N CYS B 200 21.34 -29.93 2.66
CA CYS B 200 22.37 -28.90 2.60
C CYS B 200 23.64 -29.50 2.00
N ALA B 201 24.44 -28.65 1.38
CA ALA B 201 25.65 -29.09 0.70
C ALA B 201 26.78 -28.11 0.95
N LEU B 202 27.99 -28.65 1.05
CA LEU B 202 29.22 -27.85 1.21
C LEU B 202 29.83 -27.67 -0.18
N TRP B 203 29.85 -26.44 -0.66
CA TRP B 203 30.31 -26.13 -2.01
C TRP B 203 31.77 -25.69 -2.00
N ASP B 204 32.40 -25.84 -3.16
CA ASP B 204 33.77 -25.39 -3.39
C ASP B 204 33.75 -24.42 -4.56
N ILE B 205 34.15 -23.16 -4.29
CA ILE B 205 34.08 -22.14 -5.33
C ILE B 205 35.11 -22.40 -6.42
N GLU B 206 36.29 -22.89 -6.05
CA GLU B 206 37.33 -23.14 -7.04
C GLU B 206 36.87 -24.13 -8.09
N THR B 207 36.29 -25.25 -7.66
CA THR B 207 35.82 -26.28 -8.58
C THR B 207 34.34 -26.14 -8.92
N GLY B 208 33.54 -25.60 -8.00
CA GLY B 208 32.12 -25.44 -8.26
C GLY B 208 31.31 -26.70 -8.10
N GLN B 209 31.75 -27.63 -7.27
CA GLN B 209 31.06 -28.90 -7.05
C GLN B 209 30.92 -29.15 -5.56
N GLN B 210 29.84 -29.85 -5.20
CA GLN B 210 29.59 -30.15 -3.79
C GLN B 210 30.68 -31.03 -3.22
N THR B 211 31.19 -30.65 -2.05
CA THR B 211 32.20 -31.45 -1.35
C THR B 211 31.56 -32.39 -0.34
N THR B 212 30.58 -31.92 0.41
CA THR B 212 29.88 -32.73 1.41
C THR B 212 28.39 -32.40 1.35
N THR B 213 27.56 -33.43 1.52
CA THR B 213 26.11 -33.28 1.48
C THR B 213 25.54 -33.65 2.85
N PHE B 214 24.81 -32.71 3.45
CA PHE B 214 24.21 -32.92 4.77
C PHE B 214 22.72 -33.20 4.59
N THR B 215 22.29 -34.39 5.00
CA THR B 215 20.89 -34.80 4.90
C THR B 215 20.38 -35.23 6.26
N GLY B 216 19.06 -35.31 6.37
CA GLY B 216 18.42 -35.71 7.62
C GLY B 216 17.15 -34.94 7.90
N HIS B 217 17.00 -33.77 7.27
CA HIS B 217 15.81 -32.96 7.46
C HIS B 217 14.65 -33.49 6.62
N THR B 218 13.43 -33.26 7.11
CA THR B 218 12.22 -33.63 6.40
C THR B 218 11.48 -32.44 5.79
N GLY B 219 11.71 -31.23 6.31
CA GLY B 219 11.09 -30.03 5.79
C GLY B 219 12.11 -29.11 5.12
N ASP B 220 11.59 -28.04 4.54
CA ASP B 220 12.45 -27.09 3.85
C ASP B 220 13.37 -26.40 4.84
N VAL B 221 14.67 -26.43 4.54
CA VAL B 221 15.67 -25.80 5.40
C VAL B 221 15.59 -24.29 5.19
N MET B 222 15.25 -23.56 6.25
CA MET B 222 15.06 -22.12 6.14
C MET B 222 16.40 -21.38 6.20
N SER B 223 17.13 -21.53 7.31
CA SER B 223 18.39 -20.84 7.47
C SER B 223 19.29 -21.64 8.40
N LEU B 224 20.57 -21.25 8.42
CA LEU B 224 21.57 -21.89 9.26
C LEU B 224 22.48 -20.83 9.86
N SER B 225 23.24 -21.23 10.87
CA SER B 225 24.17 -20.33 11.55
C SER B 225 25.47 -21.08 11.83
N LEU B 226 26.58 -20.50 11.40
CA LEU B 226 27.89 -21.11 11.59
C LEU B 226 28.48 -20.71 12.94
N ALA B 227 29.20 -21.65 13.55
CA ALA B 227 29.84 -21.38 14.83
C ALA B 227 31.01 -20.42 14.63
N PRO B 228 31.47 -19.79 15.71
CA PRO B 228 32.60 -18.86 15.57
C PRO B 228 33.85 -19.50 14.98
N ASP B 229 34.06 -20.79 15.22
CA ASP B 229 35.23 -21.50 14.71
C ASP B 229 35.01 -22.09 13.32
N THR B 230 33.80 -21.98 12.76
CA THR B 230 33.46 -22.49 11.45
C THR B 230 33.58 -24.01 11.35
N ARG B 231 33.71 -24.70 12.49
CA ARG B 231 33.81 -26.15 12.48
C ARG B 231 32.45 -26.84 12.57
N LEU B 232 31.52 -26.28 13.33
CA LEU B 232 30.17 -26.83 13.45
C LEU B 232 29.16 -25.72 13.15
N PHE B 233 27.96 -26.14 12.73
CA PHE B 233 26.90 -25.21 12.43
C PHE B 233 25.55 -25.89 12.62
N VAL B 234 24.53 -25.09 12.89
CA VAL B 234 23.17 -25.57 13.13
C VAL B 234 22.26 -24.98 12.06
N SER B 235 21.20 -25.72 11.76
CA SER B 235 20.24 -25.29 10.75
C SER B 235 18.83 -25.74 11.16
N GLY B 236 17.85 -24.94 10.78
CA GLY B 236 16.46 -25.23 11.05
C GLY B 236 15.71 -25.56 9.77
N ALA B 237 14.62 -26.31 9.90
CA ALA B 237 13.83 -26.72 8.75
C ALA B 237 12.35 -26.61 9.11
N CYS B 238 11.50 -26.87 8.11
CA CYS B 238 10.06 -26.81 8.31
C CYS B 238 9.54 -28.12 8.89
N ASP B 239 10.16 -28.58 9.98
CA ASP B 239 9.71 -29.79 10.66
C ASP B 239 9.75 -29.64 12.18
N ALA B 240 9.84 -28.41 12.68
CA ALA B 240 9.95 -28.16 14.12
C ALA B 240 11.17 -28.81 14.72
N SER B 241 12.25 -28.95 13.95
CA SER B 241 13.46 -29.62 14.40
C SER B 241 14.67 -28.83 13.93
N ALA B 242 15.72 -28.86 14.75
CA ALA B 242 17.01 -28.24 14.43
C ALA B 242 18.12 -29.25 14.70
N LYS B 243 19.07 -29.33 13.77
CA LYS B 243 20.13 -30.32 13.84
C LYS B 243 21.49 -29.64 13.84
N LEU B 244 22.45 -30.31 14.46
CA LEU B 244 23.84 -29.87 14.49
C LEU B 244 24.66 -30.71 13.52
N TRP B 245 25.41 -30.04 12.65
CA TRP B 245 26.19 -30.70 11.60
C TRP B 245 27.67 -30.41 11.79
N ASP B 246 28.50 -31.35 11.33
CA ASP B 246 29.94 -31.22 11.36
C ASP B 246 30.45 -30.95 9.96
N VAL B 247 31.10 -29.81 9.76
CA VAL B 247 31.56 -29.42 8.43
C VAL B 247 32.65 -30.38 7.94
N ARG B 248 33.55 -30.79 8.83
CA ARG B 248 34.65 -31.64 8.42
C ARG B 248 34.21 -33.10 8.29
N GLU B 249 33.32 -33.56 9.17
CA GLU B 249 32.87 -34.94 9.14
C GLU B 249 31.59 -35.12 8.35
N GLY B 250 30.66 -34.17 8.45
CA GLY B 250 29.40 -34.27 7.73
C GLY B 250 28.36 -35.16 8.36
N MET B 251 28.50 -35.46 9.65
CA MET B 251 27.57 -36.32 10.37
C MET B 251 26.79 -35.49 11.39
N CYS B 252 25.51 -35.81 11.55
CA CYS B 252 24.68 -35.12 12.52
C CYS B 252 25.01 -35.58 13.94
N ARG B 253 25.12 -34.62 14.86
CA ARG B 253 25.48 -34.90 16.24
C ARG B 253 24.30 -34.84 17.20
N GLN B 254 23.47 -33.79 17.09
CA GLN B 254 22.34 -33.61 17.99
C GLN B 254 21.18 -33.00 17.21
N THR B 255 19.96 -33.32 17.65
CA THR B 255 18.73 -32.80 17.05
C THR B 255 17.84 -32.24 18.15
N PHE B 256 17.36 -31.01 17.95
CA PHE B 256 16.51 -30.33 18.91
C PHE B 256 15.13 -30.16 18.31
N THR B 257 14.10 -30.59 19.04
CA THR B 257 12.71 -30.53 18.59
C THR B 257 11.84 -29.84 19.62
N GLY B 258 12.30 -28.67 20.11
CA GLY B 258 11.55 -27.95 21.11
C GLY B 258 10.44 -27.08 20.57
N HIS B 259 10.50 -26.71 19.30
CA HIS B 259 9.49 -25.84 18.71
C HIS B 259 8.26 -26.63 18.29
N GLU B 260 7.18 -25.91 18.01
CA GLU B 260 5.91 -26.51 17.62
C GLU B 260 5.58 -26.31 16.15
N SER B 261 6.24 -25.38 15.47
CA SER B 261 5.95 -25.08 14.07
C SER B 261 7.28 -24.95 13.32
N ASP B 262 7.20 -24.47 12.09
CA ASP B 262 8.38 -24.34 11.26
C ASP B 262 9.37 -23.35 11.87
N ILE B 263 10.65 -23.71 11.84
CA ILE B 263 11.71 -22.85 12.35
C ILE B 263 12.21 -21.97 11.21
N ASN B 264 12.02 -20.65 11.36
CA ASN B 264 12.37 -19.72 10.30
C ASN B 264 13.74 -19.08 10.51
N ALA B 265 14.08 -18.74 11.76
CA ALA B 265 15.32 -18.05 12.06
C ALA B 265 16.14 -18.86 13.05
N ILE B 266 17.44 -18.61 13.07
CA ILE B 266 18.36 -19.29 13.98
C ILE B 266 19.62 -18.46 14.11
N CYS B 267 20.16 -18.40 15.33
CA CYS B 267 21.39 -17.68 15.59
C CYS B 267 22.20 -18.41 16.66
N PHE B 268 23.52 -18.39 16.51
CA PHE B 268 24.41 -19.11 17.41
C PHE B 268 24.89 -18.19 18.52
N PHE B 269 24.99 -18.73 19.73
CA PHE B 269 25.50 -17.97 20.85
C PHE B 269 26.96 -17.58 20.60
N PRO B 270 27.37 -16.38 21.03
CA PRO B 270 28.76 -15.94 20.73
C PRO B 270 29.83 -16.95 21.09
N ASN B 271 29.61 -17.79 22.09
CA ASN B 271 30.61 -18.78 22.50
C ASN B 271 30.57 -20.06 21.67
N GLY B 272 29.48 -20.30 20.94
CA GLY B 272 29.36 -21.49 20.12
C GLY B 272 28.85 -22.70 20.85
N ASN B 273 28.28 -22.54 22.04
CA ASN B 273 27.77 -23.65 22.83
C ASN B 273 26.25 -23.70 22.91
N ALA B 274 25.56 -22.64 22.47
CA ALA B 274 24.12 -22.59 22.50
C ALA B 274 23.62 -21.79 21.30
N PHE B 275 22.33 -21.91 21.03
CA PHE B 275 21.73 -21.21 19.90
C PHE B 275 20.23 -21.06 20.14
N ALA B 276 19.67 -19.99 19.58
CA ALA B 276 18.24 -19.72 19.66
C ALA B 276 17.62 -19.81 18.27
N THR B 277 16.33 -20.09 18.23
CA THR B 277 15.61 -20.28 16.97
C THR B 277 14.27 -19.58 17.04
N GLY B 278 13.83 -19.03 15.91
CA GLY B 278 12.53 -18.39 15.79
C GLY B 278 11.62 -19.23 14.91
N SER B 279 10.36 -19.36 15.34
CA SER B 279 9.38 -20.17 14.65
C SER B 279 8.07 -19.40 14.53
N ASP B 280 7.13 -19.96 13.75
CA ASP B 280 5.84 -19.34 13.56
C ASP B 280 4.95 -19.40 14.79
N ASP B 281 5.38 -20.10 15.85
CA ASP B 281 4.61 -20.22 17.07
C ASP B 281 4.73 -19.00 17.98
N ALA B 282 5.34 -17.91 17.50
CA ALA B 282 5.51 -16.69 18.29
C ALA B 282 6.30 -16.95 19.56
N THR B 283 7.24 -17.89 19.51
CA THR B 283 8.03 -18.26 20.67
C THR B 283 9.45 -18.59 20.24
N CYS B 284 10.42 -18.02 20.95
CA CYS B 284 11.83 -18.34 20.76
C CYS B 284 12.28 -19.32 21.84
N ARG B 285 13.21 -20.20 21.47
CA ARG B 285 13.70 -21.22 22.37
C ARG B 285 15.22 -21.30 22.28
N LEU B 286 15.88 -21.25 23.43
CA LEU B 286 17.33 -21.35 23.52
C LEU B 286 17.72 -22.80 23.79
N PHE B 287 18.60 -23.33 22.95
CA PHE B 287 19.04 -24.71 23.04
C PHE B 287 20.54 -24.77 23.32
N ASP B 288 20.94 -25.72 24.16
CA ASP B 288 22.34 -25.92 24.52
C ASP B 288 22.84 -27.22 23.93
N LEU B 289 24.08 -27.20 23.42
CA LEU B 289 24.64 -28.41 22.81
C LEU B 289 25.06 -29.42 23.87
N ARG B 290 25.56 -28.94 25.01
CA ARG B 290 26.00 -29.84 26.07
C ARG B 290 24.81 -30.51 26.74
N ALA B 291 23.79 -29.73 27.09
CA ALA B 291 22.60 -30.29 27.73
C ALA B 291 21.71 -31.03 26.75
N ASP B 292 21.76 -30.66 25.47
CA ASP B 292 20.96 -31.33 24.44
C ASP B 292 19.47 -31.13 24.67
N GLN B 293 19.08 -29.96 25.16
CA GLN B 293 17.68 -29.66 25.41
C GLN B 293 17.52 -28.15 25.48
N GLU B 294 16.25 -27.72 25.52
CA GLU B 294 15.95 -26.30 25.57
C GLU B 294 16.26 -25.74 26.96
N LEU B 295 16.74 -24.50 26.99
CA LEU B 295 17.06 -23.81 28.24
C LEU B 295 15.98 -22.81 28.64
N MET B 296 15.58 -21.94 27.72
CA MET B 296 14.61 -20.88 28.01
C MET B 296 13.67 -20.73 26.83
N THR B 297 12.44 -20.31 27.13
CA THR B 297 11.43 -20.04 26.12
C THR B 297 10.96 -18.60 26.26
N TYR B 298 10.98 -17.86 25.15
CA TYR B 298 10.63 -16.44 25.13
C TYR B 298 9.33 -16.28 24.35
N SER B 299 8.25 -15.95 25.05
CA SER B 299 6.95 -15.77 24.42
C SER B 299 6.08 -14.92 25.31
N HIS B 300 5.13 -14.21 24.69
CA HIS B 300 4.17 -13.38 25.40
C HIS B 300 2.77 -13.66 24.85
N ASP B 301 1.78 -13.67 25.74
CA ASP B 301 0.42 -13.96 25.31
C ASP B 301 -0.04 -13.00 24.23
N ASN B 302 0.29 -11.71 24.36
CA ASN B 302 -0.12 -10.73 23.38
C ASN B 302 0.51 -10.94 22.01
N ILE B 303 1.59 -11.68 21.92
CA ILE B 303 2.26 -11.96 20.66
C ILE B 303 1.74 -13.28 20.12
N ILE B 304 1.12 -13.24 18.94
CA ILE B 304 0.56 -14.43 18.32
C ILE B 304 1.03 -14.53 16.87
N CYS B 305 1.94 -13.64 16.47
CA CYS B 305 2.47 -13.61 15.12
C CYS B 305 3.79 -14.36 15.04
N GLY B 306 4.10 -14.86 13.86
CA GLY B 306 5.31 -15.64 13.67
C GLY B 306 6.55 -14.78 13.76
N ILE B 307 7.67 -15.45 14.04
CA ILE B 307 8.98 -14.81 14.15
C ILE B 307 9.71 -14.95 12.83
N THR B 308 10.41 -13.89 12.42
CA THR B 308 11.08 -13.82 11.14
C THR B 308 12.60 -13.92 11.23
N SER B 309 13.21 -13.19 12.16
CA SER B 309 14.66 -13.18 12.29
C SER B 309 15.04 -13.08 13.75
N VAL B 310 16.20 -13.64 14.09
CA VAL B 310 16.74 -13.60 15.45
C VAL B 310 18.25 -13.41 15.37
N SER B 311 18.80 -12.78 16.40
CA SER B 311 20.23 -12.54 16.46
C SER B 311 20.64 -12.34 17.91
N PHE B 312 21.89 -12.66 18.20
CA PHE B 312 22.47 -12.51 19.53
C PHE B 312 23.46 -11.35 19.53
N SER B 313 23.44 -10.56 20.60
CA SER B 313 24.37 -9.46 20.73
C SER B 313 25.79 -9.99 20.94
N LYS B 314 26.75 -9.06 21.02
CA LYS B 314 28.14 -9.46 21.22
C LYS B 314 28.31 -10.27 22.50
N SER B 315 27.61 -9.87 23.56
CA SER B 315 27.67 -10.59 24.83
C SER B 315 26.63 -11.69 24.94
N GLY B 316 25.57 -11.65 24.12
CA GLY B 316 24.53 -12.64 24.17
C GLY B 316 23.42 -12.37 25.15
N ARG B 317 23.57 -11.35 26.02
CA ARG B 317 22.54 -11.05 27.00
C ARG B 317 21.25 -10.60 26.33
N LEU B 318 21.34 -9.87 25.22
CA LEU B 318 20.18 -9.35 24.51
C LEU B 318 19.88 -10.24 23.32
N LEU B 319 18.66 -10.77 23.26
CA LEU B 319 18.20 -11.60 22.16
C LEU B 319 17.19 -10.79 21.35
N LEU B 320 17.64 -10.26 20.22
CA LEU B 320 16.79 -9.47 19.33
C LEU B 320 16.12 -10.39 18.33
N ALA B 321 14.79 -10.34 18.27
CA ALA B 321 14.00 -11.21 17.40
C ALA B 321 12.97 -10.38 16.67
N GLY B 322 12.91 -10.54 15.35
CA GLY B 322 11.92 -9.84 14.54
C GLY B 322 10.62 -10.61 14.47
N TYR B 323 9.52 -9.85 14.29
CA TYR B 323 8.19 -10.42 14.27
C TYR B 323 7.41 -9.85 13.08
N ASP B 324 6.32 -10.52 12.74
CA ASP B 324 5.49 -10.13 11.61
C ASP B 324 4.50 -9.02 11.94
N ASP B 325 4.54 -8.46 13.14
CA ASP B 325 3.62 -7.40 13.54
C ASP B 325 4.16 -6.01 13.20
N PHE B 326 5.08 -5.92 12.25
CA PHE B 326 5.67 -4.66 11.79
C PHE B 326 6.64 -4.07 12.80
N ASN B 327 7.14 -4.87 13.74
CA ASN B 327 8.06 -4.40 14.75
C ASN B 327 8.93 -5.56 15.22
N CYS B 328 9.95 -5.22 16.00
CA CYS B 328 10.88 -6.20 16.55
C CYS B 328 10.99 -6.00 18.06
N ASN B 329 11.28 -7.08 18.77
CA ASN B 329 11.38 -7.08 20.22
C ASN B 329 12.77 -7.54 20.66
N VAL B 330 13.21 -7.02 21.79
CA VAL B 330 14.49 -7.38 22.40
C VAL B 330 14.19 -8.14 23.68
N TRP B 331 14.57 -9.42 23.71
CA TRP B 331 14.27 -10.30 24.83
C TRP B 331 15.53 -10.52 25.66
N ASP B 332 15.36 -10.57 26.99
CA ASP B 332 16.46 -10.85 27.89
C ASP B 332 16.80 -12.33 27.84
N ALA B 333 18.01 -12.65 27.36
CA ALA B 333 18.41 -14.04 27.20
C ALA B 333 18.43 -14.80 28.53
N LEU B 334 18.54 -14.09 29.66
CA LEU B 334 18.61 -14.72 30.96
C LEU B 334 17.34 -14.57 31.79
N LYS B 335 16.58 -13.50 31.58
CA LYS B 335 15.34 -13.27 32.33
C LYS B 335 14.08 -13.56 31.52
N ALA B 336 14.19 -13.67 30.19
CA ALA B 336 13.04 -13.94 29.33
C ALA B 336 11.97 -12.87 29.51
N ASP B 337 12.40 -11.61 29.55
CA ASP B 337 11.50 -10.47 29.71
C ASP B 337 11.74 -9.49 28.56
N ARG B 338 10.66 -8.87 28.10
CA ARG B 338 10.74 -7.92 27.00
C ARG B 338 11.50 -6.67 27.46
N ALA B 339 12.74 -6.53 27.01
CA ALA B 339 13.55 -5.38 27.40
C ALA B 339 13.26 -4.16 26.54
N GLY B 340 12.85 -4.37 25.29
CA GLY B 340 12.56 -3.25 24.41
C GLY B 340 11.87 -3.72 23.15
N VAL B 341 11.43 -2.76 22.35
CA VAL B 341 10.75 -3.02 21.09
C VAL B 341 11.27 -2.05 20.05
N LEU B 342 11.74 -2.57 18.92
CA LEU B 342 12.27 -1.76 17.83
C LEU B 342 11.20 -1.66 16.75
N ALA B 343 10.28 -0.72 16.95
CA ALA B 343 9.18 -0.49 16.03
C ALA B 343 9.49 0.70 15.12
N GLY B 344 8.75 0.78 14.02
CA GLY B 344 8.93 1.85 13.05
C GLY B 344 8.92 1.37 11.62
N HIS B 345 8.67 0.08 11.43
CA HIS B 345 8.62 -0.50 10.10
C HIS B 345 7.18 -0.59 9.62
N ASP B 346 6.99 -0.42 8.31
CA ASP B 346 5.67 -0.47 7.70
C ASP B 346 5.22 -1.89 7.37
N ASN B 347 6.12 -2.87 7.44
CA ASN B 347 5.79 -4.26 7.14
C ASN B 347 6.65 -5.16 8.03
N ARG B 348 6.46 -6.47 7.87
CA ARG B 348 7.19 -7.43 8.69
C ARG B 348 8.69 -7.29 8.49
N VAL B 349 9.44 -7.43 9.58
CA VAL B 349 10.89 -7.38 9.54
C VAL B 349 11.39 -8.75 9.07
N SER B 350 11.80 -8.83 7.80
CA SER B 350 12.19 -10.10 7.21
C SER B 350 13.60 -10.52 7.58
N CYS B 351 14.46 -9.57 7.96
CA CYS B 351 15.85 -9.89 8.27
C CYS B 351 16.30 -9.04 9.44
N LEU B 352 17.39 -9.48 10.07
CA LEU B 352 17.96 -8.78 11.21
C LEU B 352 19.41 -9.21 11.37
N GLY B 353 20.31 -8.24 11.50
CA GLY B 353 21.72 -8.53 11.65
C GLY B 353 22.42 -7.56 12.56
N VAL B 354 23.31 -8.07 13.42
CA VAL B 354 24.06 -7.26 14.36
C VAL B 354 25.52 -7.23 13.91
N THR B 355 26.15 -6.07 14.04
CA THR B 355 27.54 -5.93 13.66
C THR B 355 28.44 -6.80 14.54
N ASP B 356 29.63 -7.11 14.02
CA ASP B 356 30.57 -7.92 14.77
C ASP B 356 31.00 -7.22 16.06
N ASP B 357 31.00 -5.89 16.06
CA ASP B 357 31.36 -5.12 17.25
C ASP B 357 30.14 -4.70 18.07
N GLY B 358 28.92 -4.94 17.58
CA GLY B 358 27.73 -4.57 18.31
C GLY B 358 27.46 -3.08 18.35
N MET B 359 28.05 -2.31 17.45
CA MET B 359 27.82 -0.87 17.45
C MET B 359 26.39 -0.51 17.06
N ALA B 360 25.75 -1.33 16.24
CA ALA B 360 24.40 -1.06 15.79
C ALA B 360 23.78 -2.35 15.27
N VAL B 361 22.46 -2.31 15.11
CA VAL B 361 21.68 -3.45 14.61
C VAL B 361 20.95 -3.01 13.35
N ALA B 362 20.95 -3.87 12.34
CA ALA B 362 20.29 -3.61 11.07
C ALA B 362 19.03 -4.47 10.97
N THR B 363 17.92 -3.86 10.58
CA THR B 363 16.65 -4.56 10.45
C THR B 363 15.99 -4.14 9.15
N GLY B 364 15.76 -5.10 8.26
CA GLY B 364 15.10 -4.84 6.99
C GLY B 364 13.66 -5.34 7.01
N SER B 365 12.81 -4.67 6.24
CA SER B 365 11.40 -5.00 6.18
C SER B 365 10.95 -5.03 4.72
N TRP B 366 9.73 -5.54 4.51
CA TRP B 366 9.19 -5.63 3.17
C TRP B 366 8.79 -4.27 2.59
N ASP B 367 8.91 -3.19 3.36
CA ASP B 367 8.56 -1.86 2.89
C ASP B 367 9.66 -1.23 2.03
N SER B 368 10.71 -1.98 1.71
CA SER B 368 11.82 -1.57 0.85
C SER B 368 12.80 -0.65 1.58
N PHE B 369 12.65 -0.44 2.88
CA PHE B 369 13.56 0.41 3.65
C PHE B 369 14.25 -0.42 4.73
N LEU B 370 15.52 -0.13 4.95
CA LEU B 370 16.34 -0.83 5.94
C LEU B 370 16.73 0.16 7.02
N LYS B 371 16.38 -0.16 8.27
CA LYS B 371 16.63 0.72 9.42
C LYS B 371 17.79 0.18 10.23
N ILE B 372 18.67 1.08 10.66
CA ILE B 372 19.80 0.76 11.53
C ILE B 372 19.52 1.39 12.89
N TRP B 373 19.59 0.57 13.94
CA TRP B 373 19.26 0.99 15.30
C TRP B 373 20.50 0.96 16.17
N ASN B 374 20.54 1.88 17.14
CA ASN B 374 21.65 1.95 18.08
C ASN B 374 21.22 2.81 19.26
N GLY B 375 21.56 2.36 20.47
CA GLY B 375 21.19 3.09 21.66
C GLY B 375 22.21 4.16 22.04
N SER B 376 21.77 5.06 22.92
CA SER B 376 22.61 6.14 23.40
C SER B 376 22.31 6.41 24.87
N SER B 377 23.29 6.97 25.58
CA SER B 377 23.14 7.27 26.99
C SER B 377 22.50 8.65 27.19
N THR C 6 9.96 -49.77 -2.54
CA THR C 6 9.96 -48.42 -1.92
C THR C 6 11.12 -48.29 -0.93
N ALA C 7 11.59 -47.06 -0.75
CA ALA C 7 12.69 -46.77 0.17
C ALA C 7 12.22 -46.57 1.61
N SER C 8 11.01 -47.01 1.95
CA SER C 8 10.51 -46.83 3.30
C SER C 8 11.36 -47.60 4.30
N ILE C 9 11.73 -48.84 3.97
CA ILE C 9 12.57 -49.63 4.88
C ILE C 9 13.94 -48.98 5.02
N ALA C 10 14.50 -48.48 3.93
CA ALA C 10 15.80 -47.82 4.01
C ALA C 10 15.74 -46.58 4.89
N GLN C 11 14.67 -45.78 4.74
CA GLN C 11 14.53 -44.59 5.58
C GLN C 11 14.35 -44.97 7.04
N ALA C 12 13.57 -46.01 7.31
CA ALA C 12 13.36 -46.43 8.69
C ALA C 12 14.67 -46.92 9.32
N ARG C 13 15.47 -47.66 8.55
CA ARG C 13 16.75 -48.14 9.07
C ARG C 13 17.72 -46.98 9.29
N LYS C 14 17.71 -46.00 8.38
CA LYS C 14 18.58 -44.84 8.55
C LYS C 14 18.25 -44.06 9.81
N LEU C 15 16.95 -43.86 10.06
CA LEU C 15 16.54 -43.13 11.26
C LEU C 15 16.99 -43.84 12.53
N VAL C 16 16.91 -45.17 12.54
CA VAL C 16 17.33 -45.93 13.71
C VAL C 16 18.82 -45.71 13.96
N GLU C 17 19.63 -45.72 12.91
CA GLU C 17 21.07 -45.50 13.07
C GLU C 17 21.36 -44.11 13.62
N GLN C 18 20.60 -43.10 13.16
CA GLN C 18 20.82 -41.74 13.63
C GLN C 18 20.47 -41.60 15.10
N LEU C 19 19.41 -42.27 15.56
CA LEU C 19 19.01 -42.16 16.95
C LEU C 19 20.11 -42.67 17.88
N LYS C 20 20.78 -43.76 17.51
CA LYS C 20 21.82 -44.31 18.36
C LYS C 20 22.99 -43.34 18.49
N MET C 21 23.32 -42.63 17.40
CA MET C 21 24.42 -41.67 17.45
C MET C 21 24.13 -40.55 18.43
N GLU C 22 22.87 -40.09 18.48
CA GLU C 22 22.49 -39.02 19.38
C GLU C 22 22.29 -39.51 20.82
N ALA C 23 22.04 -40.80 21.02
CA ALA C 23 21.82 -41.31 22.36
C ALA C 23 23.14 -41.46 23.12
N ASN C 24 24.18 -41.97 22.45
CA ASN C 24 25.47 -42.19 23.09
C ASN C 24 26.30 -40.93 23.00
N ILE C 25 26.00 -39.98 23.89
CA ILE C 25 26.72 -38.72 23.98
C ILE C 25 26.79 -38.29 25.43
N ASP C 26 27.89 -37.65 25.80
CA ASP C 26 28.12 -37.19 27.18
C ASP C 26 27.35 -35.89 27.39
N ARG C 27 26.13 -36.01 27.90
CA ARG C 27 25.32 -34.84 28.18
C ARG C 27 25.72 -34.21 29.51
N ILE C 28 25.49 -32.90 29.62
CA ILE C 28 25.83 -32.14 30.82
C ILE C 28 24.55 -31.62 31.44
N LYS C 29 24.56 -31.52 32.78
CA LYS C 29 23.40 -31.01 33.49
C LYS C 29 23.11 -29.57 33.10
N VAL C 30 21.83 -29.22 33.09
CA VAL C 30 21.43 -27.86 32.73
C VAL C 30 22.00 -26.85 33.71
N SER C 31 22.24 -27.27 34.96
CA SER C 31 22.79 -26.35 35.96
C SER C 31 24.15 -25.82 35.53
N LYS C 32 24.98 -26.69 34.94
CA LYS C 32 26.30 -26.27 34.48
C LYS C 32 26.22 -25.52 33.16
N ALA C 33 25.38 -26.00 32.23
CA ALA C 33 25.23 -25.31 30.96
C ALA C 33 24.73 -23.88 31.16
N ALA C 34 23.77 -23.69 32.06
CA ALA C 34 23.26 -22.35 32.32
C ALA C 34 24.31 -21.49 33.01
N ALA C 35 25.07 -22.08 33.93
CA ALA C 35 26.11 -21.33 34.63
C ALA C 35 27.16 -20.81 33.65
N ASP C 36 27.53 -21.61 32.66
CA ASP C 36 28.51 -21.17 31.67
C ASP C 36 28.00 -19.98 30.88
N LEU C 37 26.74 -20.06 30.42
CA LEU C 37 26.17 -18.95 29.66
C LEU C 37 26.08 -17.70 30.52
N MET C 38 25.70 -17.84 31.80
CA MET C 38 25.61 -16.68 32.68
C MET C 38 26.98 -16.05 32.87
N ALA C 39 28.01 -16.88 33.11
CA ALA C 39 29.35 -16.36 33.29
C ALA C 39 29.84 -15.66 32.02
N TYR C 40 29.52 -16.22 30.85
CA TYR C 40 29.92 -15.59 29.60
C TYR C 40 29.24 -14.24 29.43
N CYS C 41 27.93 -14.18 29.69
CA CYS C 41 27.21 -12.92 29.58
C CYS C 41 27.75 -11.88 30.56
N GLU C 42 28.16 -12.31 31.76
CA GLU C 42 28.69 -11.38 32.74
C GLU C 42 30.09 -10.91 32.37
N ALA C 43 30.87 -11.77 31.71
CA ALA C 43 32.24 -11.41 31.38
C ALA C 43 32.30 -10.36 30.28
N HIS C 44 31.55 -10.57 29.20
CA HIS C 44 31.58 -9.67 28.05
C HIS C 44 30.48 -8.61 28.12
N ALA C 45 29.89 -8.39 29.29
CA ALA C 45 28.83 -7.39 29.41
C ALA C 45 29.36 -5.99 29.10
N LYS C 46 30.56 -5.67 29.60
CA LYS C 46 31.12 -4.34 29.40
C LYS C 46 31.51 -4.11 27.94
N GLU C 47 31.69 -5.15 27.15
CA GLU C 47 32.09 -5.04 25.75
C GLU C 47 30.91 -5.01 24.80
N ASP C 48 29.68 -4.85 25.31
CA ASP C 48 28.50 -4.85 24.47
C ASP C 48 27.99 -3.43 24.31
N PRO C 49 28.16 -2.78 23.16
CA PRO C 49 27.65 -1.41 23.01
C PRO C 49 26.14 -1.32 23.13
N LEU C 50 25.40 -2.37 22.75
CA LEU C 50 23.95 -2.32 22.82
C LEU C 50 23.47 -2.42 24.27
N LEU C 51 24.02 -3.38 25.02
CA LEU C 51 23.61 -3.54 26.42
C LEU C 51 23.99 -2.32 27.26
N THR C 52 25.09 -1.66 26.91
CA THR C 52 25.55 -0.47 27.61
C THR C 52 25.81 0.63 26.59
N PRO C 53 25.02 1.69 26.55
CA PRO C 53 25.22 2.71 25.51
C PRO C 53 26.60 3.34 25.59
N VAL C 54 27.21 3.53 24.42
CA VAL C 54 28.55 4.11 24.32
C VAL C 54 28.39 5.62 24.17
N PRO C 55 29.30 6.43 24.74
CA PRO C 55 29.19 7.88 24.55
C PRO C 55 29.16 8.25 23.08
N ALA C 56 28.57 9.42 22.79
CA ALA C 56 28.43 9.87 21.41
C ALA C 56 29.78 10.14 20.75
N SER C 57 30.83 10.36 21.54
CA SER C 57 32.15 10.62 20.95
C SER C 57 32.72 9.40 20.26
N GLU C 58 32.44 8.21 20.80
CA GLU C 58 32.93 6.97 20.21
C GLU C 58 31.90 6.28 19.33
N ASN C 59 30.62 6.54 19.53
CA ASN C 59 29.57 5.91 18.72
C ASN C 59 29.70 6.39 17.27
N PRO C 60 29.99 5.52 16.31
CA PRO C 60 30.11 5.98 14.92
C PRO C 60 28.78 6.35 14.29
N PHE C 61 27.66 5.89 14.83
CA PHE C 61 26.34 6.18 14.27
C PHE C 61 25.74 7.39 14.98
N ARG C 62 26.23 8.56 14.59
CA ARG C 62 25.75 9.83 15.14
C ARG C 62 24.60 10.37 14.31
N GLN D 3 8.31 -32.96 21.02
CA GLN D 3 8.19 -33.21 19.56
C GLN D 3 6.73 -33.41 19.16
N VAL D 4 6.33 -32.78 18.05
CA VAL D 4 4.96 -32.91 17.57
C VAL D 4 4.76 -34.33 17.05
N GLN D 5 3.69 -34.97 17.51
CA GLN D 5 3.37 -36.33 17.11
C GLN D 5 1.86 -36.52 17.09
N LEU D 6 1.37 -37.23 16.09
CA LEU D 6 -0.05 -37.55 15.96
C LEU D 6 -0.19 -39.05 15.82
N GLN D 7 -1.05 -39.65 16.66
CA GLN D 7 -1.25 -41.09 16.70
C GLN D 7 -2.73 -41.37 16.40
N GLU D 8 -3.02 -41.75 15.16
CA GLU D 8 -4.38 -42.09 14.79
C GLU D 8 -4.81 -43.41 15.41
N SER D 9 -6.12 -43.61 15.50
CA SER D 9 -6.68 -44.82 16.09
C SER D 9 -7.95 -45.19 15.35
N GLY D 10 -8.34 -46.46 15.48
CA GLY D 10 -9.53 -46.96 14.82
C GLY D 10 -9.24 -47.49 13.43
N GLY D 11 -9.88 -48.59 13.07
CA GLY D 11 -9.67 -49.19 11.77
C GLY D 11 -10.06 -50.66 11.79
N GLY D 12 -9.49 -51.40 10.84
CA GLY D 12 -9.75 -52.82 10.72
C GLY D 12 -10.86 -53.11 9.74
N LEU D 13 -11.23 -54.39 9.69
CA LEU D 13 -12.30 -54.84 8.80
C LEU D 13 -13.64 -54.30 9.27
N VAL D 14 -14.40 -53.72 8.34
CA VAL D 14 -15.71 -53.17 8.65
C VAL D 14 -16.62 -53.44 7.45
N GLN D 15 -17.81 -53.98 7.72
CA GLN D 15 -18.73 -54.31 6.64
C GLN D 15 -19.22 -53.02 5.96
N PRO D 16 -19.45 -53.05 4.64
CA PRO D 16 -19.96 -51.85 3.98
C PRO D 16 -21.33 -51.46 4.49
N GLY D 17 -21.53 -50.16 4.69
CA GLY D 17 -22.77 -49.64 5.21
C GLY D 17 -22.82 -49.55 6.73
N GLY D 18 -21.85 -50.12 7.43
CA GLY D 18 -21.82 -50.07 8.87
C GLY D 18 -21.33 -48.72 9.38
N SER D 19 -20.66 -48.75 10.53
CA SER D 19 -20.13 -47.56 11.16
C SER D 19 -18.74 -47.84 11.69
N LEU D 20 -17.93 -46.78 11.79
CA LEU D 20 -16.58 -46.89 12.31
C LEU D 20 -16.15 -45.52 12.81
N ARG D 21 -15.56 -45.50 14.01
CA ARG D 21 -15.16 -44.26 14.67
C ARG D 21 -13.64 -44.21 14.79
N LEU D 22 -13.03 -43.24 14.15
CA LEU D 22 -11.59 -43.05 14.22
C LEU D 22 -11.25 -42.01 15.29
N SER D 23 -10.02 -42.08 15.78
CA SER D 23 -9.53 -41.18 16.82
C SER D 23 -8.07 -40.87 16.58
N CYS D 24 -7.63 -39.71 17.06
CA CYS D 24 -6.24 -39.27 16.93
C CYS D 24 -5.84 -38.53 18.18
N ALA D 25 -4.69 -38.91 18.76
CA ALA D 25 -4.19 -38.31 19.97
C ALA D 25 -3.18 -37.22 19.61
N ALA D 26 -3.41 -36.01 20.11
CA ALA D 26 -2.55 -34.86 19.83
C ALA D 26 -1.66 -34.59 21.04
N SER D 27 -0.39 -34.26 20.76
CA SER D 27 0.57 -33.96 21.82
C SER D 27 1.71 -33.14 21.22
N GLY D 28 2.40 -32.42 22.08
CA GLY D 28 3.51 -31.59 21.67
C GLY D 28 3.15 -30.19 21.21
N PHE D 29 1.88 -29.80 21.34
CA PHE D 29 1.44 -28.48 20.90
C PHE D 29 0.10 -28.19 21.54
N THR D 30 -0.32 -26.92 21.44
CA THR D 30 -1.62 -26.49 21.94
C THR D 30 -2.67 -26.87 20.90
N PHE D 31 -3.33 -28.01 21.13
CA PHE D 31 -4.30 -28.52 20.16
C PHE D 31 -5.37 -27.49 19.84
N SER D 32 -5.68 -26.60 20.78
CA SER D 32 -6.76 -25.64 20.57
C SER D 32 -6.37 -24.51 19.64
N ASN D 33 -5.07 -24.28 19.44
CA ASN D 33 -4.59 -23.16 18.64
C ASN D 33 -4.24 -23.53 17.21
N TYR D 34 -4.59 -24.74 16.76
CA TYR D 34 -4.29 -25.20 15.41
C TYR D 34 -5.51 -25.80 14.77
N LYS D 35 -5.64 -25.62 13.46
CA LYS D 35 -6.73 -26.21 12.70
C LYS D 35 -6.38 -27.65 12.32
N MET D 36 -7.38 -28.53 12.38
CA MET D 36 -7.20 -29.95 12.11
C MET D 36 -7.93 -30.33 10.83
N ASN D 37 -7.25 -31.09 9.98
CA ASN D 37 -7.81 -31.57 8.72
C ASN D 37 -7.57 -33.06 8.59
N TRP D 38 -8.52 -33.74 7.97
CA TRP D 38 -8.44 -35.18 7.75
C TRP D 38 -8.04 -35.46 6.30
N VAL D 39 -7.13 -36.42 6.13
CA VAL D 39 -6.63 -36.81 4.81
C VAL D 39 -6.56 -38.32 4.74
N ARG D 40 -6.77 -38.85 3.54
CA ARG D 40 -6.72 -40.29 3.31
C ARG D 40 -5.99 -40.56 1.99
N GLN D 41 -5.48 -41.79 1.87
CA GLN D 41 -4.75 -42.22 0.68
C GLN D 41 -5.34 -43.57 0.24
N ALA D 42 -6.15 -43.55 -0.81
CA ALA D 42 -6.77 -44.77 -1.29
C ALA D 42 -5.73 -45.63 -2.02
N PRO D 43 -5.93 -46.95 -2.03
CA PRO D 43 -4.98 -47.82 -2.75
C PRO D 43 -4.88 -47.45 -4.22
N GLY D 44 -3.67 -47.11 -4.64
CA GLY D 44 -3.43 -46.73 -6.02
C GLY D 44 -3.66 -45.27 -6.35
N LYS D 45 -4.03 -44.46 -5.36
CA LYS D 45 -4.28 -43.04 -5.56
C LYS D 45 -3.48 -42.23 -4.54
N GLY D 46 -3.49 -40.91 -4.73
CA GLY D 46 -2.76 -40.02 -3.85
C GLY D 46 -3.61 -39.50 -2.70
N LEU D 47 -2.96 -38.72 -1.83
CA LEU D 47 -3.65 -38.15 -0.68
C LEU D 47 -4.77 -37.22 -1.15
N GLU D 48 -5.92 -37.32 -0.49
CA GLU D 48 -7.08 -36.52 -0.81
C GLU D 48 -7.68 -35.95 0.47
N TRP D 49 -8.13 -34.70 0.39
CA TRP D 49 -8.73 -34.04 1.55
C TRP D 49 -10.10 -34.65 1.84
N VAL D 50 -10.38 -34.84 3.14
CA VAL D 50 -11.64 -35.43 3.58
C VAL D 50 -12.51 -34.40 4.29
N SER D 51 -12.03 -33.83 5.39
CA SER D 51 -12.79 -32.85 6.15
C SER D 51 -11.85 -32.01 6.99
N ASP D 52 -12.38 -30.92 7.52
CA ASP D 52 -11.61 -30.01 8.36
C ASP D 52 -12.51 -29.46 9.46
N ILE D 53 -11.88 -29.01 10.53
CA ILE D 53 -12.58 -28.45 11.69
C ILE D 53 -11.79 -27.26 12.19
N SER D 54 -12.50 -26.16 12.48
CA SER D 54 -11.84 -24.94 12.93
C SER D 54 -11.29 -25.12 14.35
N GLN D 55 -10.70 -24.06 14.87
CA GLN D 55 -10.13 -24.10 16.22
C GLN D 55 -11.21 -24.42 17.25
N SER D 56 -12.28 -23.62 17.27
CA SER D 56 -13.39 -23.84 18.19
C SER D 56 -14.44 -24.79 17.63
N GLY D 57 -14.33 -25.18 16.35
CA GLY D 57 -15.29 -26.08 15.76
C GLY D 57 -16.54 -25.41 15.23
N ALA D 58 -16.58 -24.08 15.15
CA ALA D 58 -17.75 -23.39 14.66
C ALA D 58 -17.97 -23.67 13.17
N SER D 59 -16.93 -23.52 12.37
CA SER D 59 -17.01 -23.73 10.93
C SER D 59 -16.43 -25.10 10.59
N ILE D 60 -17.26 -25.94 9.97
CA ILE D 60 -16.87 -27.30 9.59
C ILE D 60 -17.30 -27.53 8.15
N SER D 61 -16.45 -28.23 7.39
CA SER D 61 -16.72 -28.52 5.99
C SER D 61 -16.29 -29.96 5.69
N TYR D 62 -16.94 -30.55 4.69
CA TYR D 62 -16.66 -31.91 4.26
C TYR D 62 -16.60 -31.95 2.74
N THR D 63 -15.88 -32.94 2.22
CA THR D 63 -15.78 -33.12 0.79
C THR D 63 -17.08 -33.70 0.23
N GLY D 64 -17.31 -33.44 -1.06
CA GLY D 64 -18.54 -33.90 -1.68
C GLY D 64 -18.72 -35.40 -1.62
N SER D 65 -17.63 -36.15 -1.55
CA SER D 65 -17.73 -37.60 -1.51
C SER D 65 -18.22 -38.11 -0.16
N VAL D 66 -17.98 -37.36 0.91
CA VAL D 66 -18.37 -37.75 2.26
C VAL D 66 -19.38 -36.81 2.87
N LYS D 67 -19.90 -35.86 2.10
CA LYS D 67 -20.89 -34.92 2.64
C LYS D 67 -22.11 -35.67 3.14
N GLY D 68 -22.44 -35.47 4.42
CA GLY D 68 -23.55 -36.16 5.03
C GLY D 68 -23.28 -37.58 5.45
N ARG D 69 -22.04 -38.06 5.28
CA ARG D 69 -21.67 -39.42 5.66
C ARG D 69 -20.71 -39.47 6.84
N PHE D 70 -19.78 -38.52 6.93
CA PHE D 70 -18.83 -38.44 8.03
C PHE D 70 -19.11 -37.22 8.89
N THR D 71 -18.77 -37.32 10.16
CA THR D 71 -18.93 -36.23 11.11
C THR D 71 -17.62 -36.03 11.86
N ILE D 72 -17.08 -34.81 11.79
CA ILE D 72 -15.80 -34.47 12.40
C ILE D 72 -16.07 -33.60 13.63
N SER D 73 -15.38 -33.91 14.72
CA SER D 73 -15.52 -33.13 15.95
C SER D 73 -14.20 -33.21 16.73
N ARG D 74 -13.96 -32.19 17.54
CA ARG D 74 -12.75 -32.10 18.33
C ARG D 74 -13.08 -31.74 19.76
N ASP D 75 -12.26 -32.24 20.69
CA ASP D 75 -12.42 -31.98 22.12
C ASP D 75 -11.19 -31.21 22.59
N ASN D 76 -11.32 -29.89 22.71
CA ASN D 76 -10.19 -29.06 23.13
C ASN D 76 -9.67 -29.49 24.49
N ALA D 77 -10.55 -29.99 25.36
CA ALA D 77 -10.13 -30.42 26.69
C ALA D 77 -9.25 -31.66 26.62
N LYS D 78 -9.69 -32.66 25.85
CA LYS D 78 -8.98 -33.93 25.74
C LYS D 78 -7.90 -33.91 24.67
N ASN D 79 -7.88 -32.90 23.79
CA ASN D 79 -6.90 -32.81 22.72
C ASN D 79 -6.95 -34.05 21.83
N THR D 80 -8.17 -34.42 21.42
CA THR D 80 -8.41 -35.58 20.59
C THR D 80 -9.37 -35.22 19.47
N LEU D 81 -9.08 -35.73 18.27
CA LEU D 81 -9.91 -35.51 17.09
C LEU D 81 -10.66 -36.78 16.75
N TYR D 82 -11.95 -36.64 16.45
CA TYR D 82 -12.81 -37.76 16.12
C TYR D 82 -13.43 -37.56 14.75
N LEU D 83 -13.69 -38.69 14.06
CA LEU D 83 -14.33 -38.68 12.75
C LEU D 83 -15.34 -39.83 12.74
N GLN D 84 -16.57 -39.52 13.12
CA GLN D 84 -17.63 -40.52 13.15
C GLN D 84 -18.03 -40.85 11.72
N MET D 85 -17.67 -42.05 11.27
CA MET D 85 -17.93 -42.50 9.91
C MET D 85 -19.04 -43.54 9.94
N ASN D 86 -20.12 -43.28 9.20
CA ASN D 86 -21.26 -44.19 9.13
C ASN D 86 -21.62 -44.41 7.67
N SER D 87 -22.29 -45.54 7.41
CA SER D 87 -22.71 -45.91 6.06
C SER D 87 -21.51 -45.96 5.12
N LEU D 88 -20.48 -46.72 5.53
CA LEU D 88 -19.27 -46.82 4.74
C LEU D 88 -19.53 -47.54 3.43
N LYS D 89 -18.72 -47.20 2.42
CA LYS D 89 -18.80 -47.80 1.10
C LYS D 89 -17.50 -48.50 0.76
N PRO D 90 -17.52 -49.51 -0.12
CA PRO D 90 -16.25 -50.17 -0.51
C PRO D 90 -15.23 -49.20 -1.07
N GLU D 91 -15.67 -48.13 -1.74
CA GLU D 91 -14.75 -47.16 -2.31
C GLU D 91 -14.03 -46.34 -1.23
N ASP D 92 -14.52 -46.35 0.01
CA ASP D 92 -13.90 -45.60 1.09
C ASP D 92 -12.66 -46.27 1.65
N THR D 93 -12.30 -47.45 1.16
CA THR D 93 -11.11 -48.14 1.64
C THR D 93 -9.88 -47.27 1.40
N ALA D 94 -9.23 -46.84 2.48
CA ALA D 94 -8.07 -45.98 2.39
C ALA D 94 -7.48 -45.81 3.78
N VAL D 95 -6.18 -45.51 3.83
CA VAL D 95 -5.49 -45.25 5.08
C VAL D 95 -5.74 -43.79 5.45
N TYR D 96 -6.50 -43.56 6.52
CA TYR D 96 -6.86 -42.22 6.95
C TYR D 96 -5.72 -41.64 7.78
N TYR D 97 -5.20 -40.49 7.35
CA TYR D 97 -4.14 -39.80 8.06
C TYR D 97 -4.69 -38.50 8.66
N CYS D 98 -4.25 -38.18 9.87
CA CYS D 98 -4.64 -36.95 10.54
C CYS D 98 -3.52 -35.92 10.40
N ALA D 99 -3.86 -34.75 9.85
CA ALA D 99 -2.89 -33.70 9.60
C ALA D 99 -3.30 -32.44 10.35
N ARG D 100 -2.30 -31.64 10.72
CA ARG D 100 -2.51 -30.40 11.45
C ARG D 100 -2.06 -29.22 10.59
N CYS D 101 -2.70 -28.08 10.82
CA CYS D 101 -2.30 -26.87 10.11
C CYS D 101 -0.87 -26.49 10.49
N PRO D 102 -0.04 -26.09 9.51
CA PRO D 102 1.36 -25.79 9.85
C PRO D 102 1.52 -24.66 10.85
N ALA D 103 0.72 -23.61 10.74
CA ALA D 103 0.83 -22.45 11.60
C ALA D 103 -0.44 -22.26 12.42
N PRO D 104 -0.34 -21.65 13.60
CA PRO D 104 -1.53 -21.39 14.41
C PRO D 104 -2.20 -20.08 14.04
N PHE D 105 -3.45 -19.94 14.47
CA PHE D 105 -4.22 -18.71 14.29
C PHE D 105 -4.27 -18.31 12.82
N THR D 106 -4.50 -19.29 11.94
CA THR D 106 -4.59 -19.04 10.51
C THR D 106 -5.77 -19.82 9.95
N ARG D 107 -6.22 -19.41 8.76
CA ARG D 107 -7.41 -19.97 8.14
C ARG D 107 -7.11 -20.85 6.93
N ASP D 108 -5.86 -20.90 6.48
CA ASP D 108 -5.50 -21.62 5.25
C ASP D 108 -4.62 -22.81 5.61
N CYS D 109 -5.00 -23.99 5.13
CA CYS D 109 -4.19 -25.21 5.25
C CYS D 109 -3.55 -25.45 3.88
N PHE D 110 -2.37 -24.87 3.68
CA PHE D 110 -1.77 -24.86 2.35
C PHE D 110 -1.44 -26.27 1.87
N ASP D 111 -0.53 -26.96 2.56
CA ASP D 111 0.02 -28.22 2.08
C ASP D 111 -0.23 -29.35 3.07
N VAL D 112 -1.40 -29.35 3.70
CA VAL D 112 -1.75 -30.48 4.57
C VAL D 112 -1.84 -31.76 3.75
N THR D 113 -2.29 -31.65 2.50
CA THR D 113 -2.37 -32.79 1.59
C THR D 113 -1.14 -32.83 0.68
N SER D 114 0.02 -33.04 1.29
CA SER D 114 1.29 -33.09 0.59
C SER D 114 1.92 -34.46 0.74
N THR D 115 2.85 -34.77 -0.16
CA THR D 115 3.48 -36.08 -0.18
C THR D 115 4.27 -36.34 1.11
N THR D 116 4.96 -35.31 1.61
CA THR D 116 5.84 -35.49 2.76
C THR D 116 5.55 -34.45 3.84
N TYR D 117 4.28 -34.27 4.19
CA TYR D 117 3.94 -33.36 5.28
C TYR D 117 4.63 -33.79 6.57
N ALA D 118 5.01 -32.81 7.37
CA ALA D 118 5.76 -33.10 8.60
C ALA D 118 4.83 -33.36 9.78
N TYR D 119 3.82 -32.50 9.96
CA TYR D 119 2.94 -32.57 11.11
C TYR D 119 1.70 -33.41 10.81
N ARG D 120 1.94 -34.68 10.50
CA ARG D 120 0.86 -35.63 10.27
C ARG D 120 1.24 -36.96 10.90
N GLY D 121 0.23 -37.73 11.28
CA GLY D 121 0.44 -39.02 11.89
C GLY D 121 0.66 -40.13 10.88
N GLN D 122 0.80 -41.34 11.40
CA GLN D 122 1.03 -42.50 10.55
C GLN D 122 -0.25 -43.05 9.94
N GLY D 123 -1.41 -42.70 10.49
CA GLY D 123 -2.68 -43.15 9.96
C GLY D 123 -3.02 -44.57 10.38
N THR D 124 -4.26 -44.96 10.09
CA THR D 124 -4.77 -46.28 10.42
C THR D 124 -5.40 -46.90 9.19
N GLN D 125 -5.28 -48.22 9.09
CA GLN D 125 -5.84 -48.95 7.95
C GLN D 125 -7.36 -49.06 8.08
N VAL D 126 -8.06 -48.64 7.02
CA VAL D 126 -9.52 -48.72 6.97
C VAL D 126 -9.88 -49.45 5.67
N THR D 127 -10.39 -50.66 5.80
CA THR D 127 -10.75 -51.49 4.65
C THR D 127 -12.24 -51.82 4.74
N VAL D 128 -13.02 -51.32 3.79
CA VAL D 128 -14.45 -51.56 3.72
C VAL D 128 -14.67 -52.67 2.70
N SER D 129 -14.81 -53.91 3.19
CA SER D 129 -15.00 -55.06 2.34
C SER D 129 -16.04 -55.99 2.96
N SER D 130 -16.91 -56.53 2.11
CA SER D 130 -17.96 -57.44 2.56
C SER D 130 -17.45 -58.88 2.50
N HIS D 131 -17.61 -59.60 3.60
CA HIS D 131 -17.16 -60.99 3.68
C HIS D 131 -18.33 -61.91 4.00
N SER E 1 -20.44 32.47 -15.08
CA SER E 1 -19.39 33.53 -15.01
C SER E 1 -18.62 33.42 -13.70
N VAL E 2 -17.50 34.15 -13.62
CA VAL E 2 -16.66 34.14 -12.42
C VAL E 2 -17.35 34.97 -11.35
N SER E 3 -17.81 34.40 -10.27
CA SER E 3 -18.58 35.19 -9.34
C SER E 3 -17.76 36.14 -8.54
N GLU E 4 -16.48 35.95 -8.48
CA GLU E 4 -15.64 36.77 -7.68
C GLU E 4 -15.03 37.87 -8.48
N ILE E 5 -14.91 37.70 -9.78
CA ILE E 5 -14.42 38.74 -10.60
C ILE E 5 -15.59 39.63 -10.86
N GLN E 6 -16.78 39.10 -10.85
CA GLN E 6 -17.96 39.89 -11.01
C GLN E 6 -18.29 40.69 -9.79
N LEU E 7 -18.36 40.07 -8.63
CA LEU E 7 -18.61 40.84 -7.41
C LEU E 7 -17.66 42.03 -7.33
N MET E 8 -16.40 41.84 -7.72
CA MET E 8 -15.45 42.96 -7.71
C MET E 8 -15.91 44.07 -8.62
N HIS E 9 -16.32 43.73 -9.84
CA HIS E 9 -16.78 44.73 -10.80
C HIS E 9 -18.04 45.42 -10.29
N ASN E 10 -18.95 44.66 -9.73
CA ASN E 10 -20.23 45.25 -9.31
C ASN E 10 -19.92 46.26 -8.18
N LEU E 11 -19.04 45.91 -7.27
CA LEU E 11 -18.72 46.82 -6.14
C LEU E 11 -17.99 48.03 -6.70
N GLY E 12 -17.06 47.84 -7.61
CA GLY E 12 -16.42 49.00 -8.23
C GLY E 12 -17.45 49.99 -8.63
N LYS E 13 -18.41 49.59 -9.45
CA LYS E 13 -19.44 50.54 -9.94
C LYS E 13 -20.21 51.09 -8.75
N HIS E 14 -20.81 50.30 -7.87
CA HIS E 14 -21.52 50.96 -6.74
C HIS E 14 -20.65 52.07 -6.19
N LEU E 15 -19.43 51.77 -5.77
CA LEU E 15 -18.55 52.76 -5.09
C LEU E 15 -18.34 54.01 -5.96
N ASN E 16 -17.83 53.86 -7.18
CA ASN E 16 -17.66 55.01 -8.10
C ASN E 16 -18.97 55.81 -8.13
N SER E 17 -20.07 55.18 -8.51
CA SER E 17 -21.38 55.87 -8.60
C SER E 17 -21.61 56.71 -7.35
N MET E 18 -21.55 56.10 -6.18
CA MET E 18 -21.70 56.84 -4.92
C MET E 18 -20.81 58.08 -4.97
N GLU E 19 -19.53 57.94 -5.32
CA GLU E 19 -18.70 59.13 -5.46
C GLU E 19 -19.32 60.11 -6.45
N ARG E 20 -19.96 59.59 -7.50
CA ARG E 20 -20.64 60.47 -8.45
C ARG E 20 -21.84 61.15 -7.82
N VAL E 21 -22.49 60.52 -6.85
CA VAL E 21 -23.64 61.11 -6.17
C VAL E 21 -23.19 61.99 -5.02
N GLU E 22 -22.28 61.50 -4.17
CA GLU E 22 -21.76 62.32 -3.09
C GLU E 22 -21.17 63.62 -3.63
N TRP E 23 -20.42 63.54 -4.73
CA TRP E 23 -19.95 64.75 -5.41
C TRP E 23 -21.12 65.59 -5.89
N LEU E 24 -22.18 64.92 -6.39
CA LEU E 24 -23.37 65.65 -6.82
C LEU E 24 -24.03 66.36 -5.65
N ARG E 25 -24.08 65.76 -4.49
CA ARG E 25 -24.64 66.41 -3.32
C ARG E 25 -23.83 67.61 -2.93
N LYS E 26 -22.55 67.60 -3.22
CA LYS E 26 -21.68 68.69 -2.81
C LYS E 26 -21.90 69.85 -3.70
N LYS E 27 -21.97 69.62 -4.99
CA LYS E 27 -22.28 70.73 -5.83
C LYS E 27 -23.67 71.17 -5.58
N LEU E 28 -24.55 70.33 -5.07
CA LEU E 28 -25.86 70.87 -4.75
C LEU E 28 -25.79 71.77 -3.53
N GLN E 29 -25.15 71.30 -2.46
CA GLN E 29 -25.00 72.12 -1.26
C GLN E 29 -24.21 73.39 -1.55
N ASP E 30 -23.27 73.33 -2.49
CA ASP E 30 -22.53 74.53 -2.87
C ASP E 30 -23.44 75.50 -3.61
N VAL E 31 -24.20 74.99 -4.58
CA VAL E 31 -25.08 75.81 -5.41
C VAL E 31 -26.34 76.24 -4.67
N HIS E 32 -26.59 75.69 -3.49
CA HIS E 32 -27.72 76.15 -2.72
C HIS E 32 -27.51 77.62 -2.41
N ASN E 33 -26.29 77.96 -2.03
CA ASN E 33 -26.02 79.33 -1.67
C ASN E 33 -25.40 80.08 -2.81
N PHE E 34 -24.30 79.57 -3.33
CA PHE E 34 -23.57 80.31 -4.37
C PHE E 34 -24.11 80.12 -5.77
N VAL F 5 -22.77 53.44 -16.10
CA VAL F 5 -22.74 54.68 -15.33
C VAL F 5 -21.51 55.51 -15.65
N MET F 6 -21.59 56.81 -15.43
CA MET F 6 -20.44 57.67 -15.65
C MET F 6 -19.49 57.52 -14.48
N THR F 7 -18.20 57.74 -14.71
CA THR F 7 -17.29 57.73 -13.58
C THR F 7 -17.33 59.14 -13.03
N LYS F 8 -17.07 59.29 -11.73
CA LYS F 8 -17.10 60.61 -11.13
C LYS F 8 -16.11 61.49 -11.85
N GLU F 9 -14.96 60.92 -12.21
CA GLU F 9 -13.93 61.66 -12.91
C GLU F 9 -14.40 62.18 -14.25
N GLU F 10 -15.18 61.37 -14.97
CA GLU F 10 -15.70 61.80 -16.25
C GLU F 10 -16.77 62.87 -16.09
N GLN F 11 -17.56 62.77 -15.02
CA GLN F 11 -18.61 63.76 -14.79
C GLN F 11 -18.02 65.13 -14.45
N ILE F 12 -16.81 65.16 -13.90
CA ILE F 12 -16.17 66.44 -13.62
C ILE F 12 -15.35 66.94 -14.80
N PHE F 13 -14.96 66.06 -15.71
CA PHE F 13 -14.25 66.48 -16.92
C PHE F 13 -15.33 67.04 -17.80
N LEU F 14 -16.51 66.46 -17.73
CA LEU F 14 -17.65 66.92 -18.49
C LEU F 14 -17.97 68.30 -18.00
N LEU F 15 -18.00 68.49 -16.69
CA LEU F 15 -18.38 69.78 -16.18
C LEU F 15 -17.26 70.72 -16.51
N HIS F 16 -16.01 70.27 -16.48
CA HIS F 16 -14.99 71.23 -16.90
C HIS F 16 -15.20 71.66 -18.34
N ARG F 17 -15.52 70.70 -19.21
CA ARG F 17 -15.82 71.04 -20.61
C ARG F 17 -17.03 71.96 -20.69
N ALA F 18 -18.07 71.67 -19.91
CA ALA F 18 -19.25 72.51 -19.91
C ALA F 18 -18.92 73.93 -19.48
N GLN F 19 -18.02 74.02 -18.45
CA GLN F 19 -17.57 75.32 -17.85
C GLN F 19 -16.81 76.11 -18.85
N ALA F 20 -16.00 75.42 -19.60
CA ALA F 20 -15.17 76.04 -20.62
C ALA F 20 -15.97 76.44 -21.85
N GLN F 21 -17.06 75.74 -22.14
CA GLN F 21 -17.92 76.12 -23.26
C GLN F 21 -18.28 77.59 -23.20
N CYS F 22 -18.64 78.10 -22.02
CA CYS F 22 -18.87 79.55 -21.87
C CYS F 22 -17.85 80.07 -20.87
N GLU F 23 -16.58 79.92 -21.18
CA GLU F 23 -15.54 80.43 -20.30
C GLU F 23 -15.64 81.93 -20.18
N LYS F 24 -15.70 82.62 -21.33
CA LYS F 24 -15.86 84.07 -21.32
C LYS F 24 -17.33 84.44 -21.13
N GLY F 79 -36.91 97.84 -15.99
CA GLY F 79 -36.73 96.63 -16.77
C GLY F 79 -35.31 96.45 -17.26
N ARG F 80 -34.59 95.47 -16.71
CA ARG F 80 -33.19 95.28 -17.09
C ARG F 80 -32.86 93.85 -17.46
N PRO F 81 -32.28 93.65 -18.65
CA PRO F 81 -31.85 92.29 -18.97
C PRO F 81 -30.65 91.90 -18.13
N CYS F 82 -30.81 90.94 -17.22
CA CYS F 82 -29.72 90.50 -16.34
C CYS F 82 -28.61 89.71 -17.01
N LEU F 83 -27.50 89.54 -16.30
CA LEU F 83 -26.41 88.74 -16.84
C LEU F 83 -26.48 87.39 -16.16
N PRO F 84 -27.05 86.37 -16.81
CA PRO F 84 -27.26 85.04 -16.24
C PRO F 84 -27.10 84.84 -14.74
N GLU F 85 -26.19 83.95 -14.32
CA GLU F 85 -25.93 83.68 -12.90
C GLU F 85 -24.87 82.59 -12.88
N TRP F 86 -24.96 81.64 -13.82
CA TRP F 86 -24.03 80.49 -13.86
C TRP F 86 -23.81 79.84 -12.51
N ASP F 87 -24.80 79.08 -12.05
CA ASP F 87 -24.72 78.47 -10.74
C ASP F 87 -23.81 77.27 -10.64
N HIS F 88 -22.54 77.37 -11.00
CA HIS F 88 -21.51 76.31 -10.95
C HIS F 88 -21.96 75.09 -11.76
N ILE F 89 -23.18 75.18 -12.31
CA ILE F 89 -23.68 74.15 -13.24
C ILE F 89 -24.57 74.84 -14.32
N LEU F 90 -24.39 74.54 -15.62
CA LEU F 90 -25.24 75.07 -16.77
C LEU F 90 -25.04 76.44 -17.45
N CYS F 91 -24.80 76.48 -18.78
CA CYS F 91 -24.72 77.77 -19.52
C CYS F 91 -26.16 78.21 -19.70
N TRP F 92 -26.72 78.91 -18.73
CA TRP F 92 -28.09 79.43 -18.87
C TRP F 92 -28.06 80.95 -18.99
N PRO F 93 -27.93 81.45 -20.22
CA PRO F 93 -27.79 82.90 -20.33
C PRO F 93 -29.11 83.64 -20.30
N LEU F 94 -30.08 83.21 -19.51
CA LEU F 94 -31.37 83.90 -19.59
C LEU F 94 -31.61 85.02 -18.60
N GLY F 95 -31.98 86.16 -19.16
CA GLY F 95 -32.26 87.31 -18.34
C GLY F 95 -33.20 88.43 -18.77
N ALA F 96 -34.28 88.69 -18.07
CA ALA F 96 -35.24 89.69 -18.56
C ALA F 96 -36.11 90.31 -17.49
N PRO F 97 -36.53 91.56 -17.71
CA PRO F 97 -37.46 92.21 -16.77
C PRO F 97 -38.61 91.31 -16.43
N GLY F 98 -38.61 90.71 -15.25
CA GLY F 98 -39.64 89.74 -14.92
C GLY F 98 -39.50 88.45 -15.71
N GLU F 99 -38.37 87.77 -15.57
CA GLU F 99 -38.15 86.51 -16.30
C GLU F 99 -38.42 85.30 -15.41
N VAL F 100 -39.26 84.38 -15.89
CA VAL F 100 -39.64 83.21 -15.10
C VAL F 100 -38.71 82.01 -15.33
N VAL F 101 -37.67 82.18 -16.16
CA VAL F 101 -36.69 81.11 -16.45
C VAL F 101 -36.97 79.65 -16.05
N ALA F 102 -37.65 78.90 -16.90
CA ALA F 102 -37.87 77.49 -16.63
C ALA F 102 -36.94 76.63 -17.47
N VAL F 103 -35.63 76.80 -17.26
CA VAL F 103 -34.63 76.06 -18.05
C VAL F 103 -34.68 74.52 -17.83
N PRO F 104 -34.65 73.63 -18.89
CA PRO F 104 -34.70 72.20 -18.59
C PRO F 104 -33.54 71.65 -17.74
N CYS F 105 -33.62 70.38 -17.32
CA CYS F 105 -32.57 69.84 -16.45
C CYS F 105 -31.26 69.75 -17.22
N PRO F 106 -30.11 69.77 -16.51
CA PRO F 106 -28.81 69.87 -17.19
C PRO F 106 -28.71 69.05 -18.47
N ASP F 107 -29.10 67.77 -18.41
CA ASP F 107 -29.07 66.88 -19.56
C ASP F 107 -27.64 66.44 -19.89
N TYR F 108 -26.65 66.99 -19.21
CA TYR F 108 -25.28 66.54 -19.43
C TYR F 108 -24.76 65.84 -18.19
N ILE F 109 -25.52 65.92 -17.11
CA ILE F 109 -25.15 65.24 -15.88
C ILE F 109 -25.83 63.87 -15.90
N TYR F 110 -25.16 62.84 -15.43
CA TYR F 110 -25.79 61.51 -15.36
C TYR F 110 -27.00 61.54 -14.46
N ASP F 111 -26.89 62.21 -13.31
CA ASP F 111 -28.03 62.35 -12.40
C ASP F 111 -28.83 63.58 -12.83
N PHE F 112 -29.62 64.19 -11.92
CA PHE F 112 -30.50 65.32 -12.30
C PHE F 112 -31.27 64.90 -13.54
N ASN F 113 -32.23 63.98 -13.37
CA ASN F 113 -33.02 63.47 -14.50
C ASN F 113 -33.35 64.57 -15.49
N HIS F 114 -33.17 64.29 -16.77
CA HIS F 114 -33.38 65.29 -17.81
C HIS F 114 -34.78 65.91 -17.94
N LYS F 115 -35.81 65.18 -17.53
CA LYS F 115 -37.16 65.70 -17.69
C LYS F 115 -37.48 66.80 -16.70
N GLY F 116 -38.39 67.69 -17.08
CA GLY F 116 -38.75 68.78 -16.21
C GLY F 116 -37.84 69.98 -16.36
N HIS F 117 -37.94 70.94 -15.45
CA HIS F 117 -37.16 72.16 -15.59
C HIS F 117 -36.69 72.84 -14.32
N ALA F 118 -35.43 73.26 -14.29
CA ALA F 118 -34.92 74.01 -13.14
C ALA F 118 -35.53 75.40 -13.15
N TYR F 119 -36.55 75.62 -12.35
CA TYR F 119 -37.23 76.90 -12.27
C TYR F 119 -36.35 77.85 -11.49
N ARG F 120 -36.08 79.02 -12.06
CA ARG F 120 -35.33 80.02 -11.33
C ARG F 120 -35.94 81.33 -11.78
N ARG F 121 -35.52 82.43 -11.20
CA ARG F 121 -36.19 83.69 -11.54
C ARG F 121 -35.32 84.92 -11.55
N CYS F 122 -35.41 85.70 -12.63
CA CYS F 122 -34.71 86.99 -12.65
C CYS F 122 -35.88 87.92 -12.04
N ASP F 123 -36.40 87.72 -10.79
CA ASP F 123 -37.57 88.50 -10.11
C ASP F 123 -38.30 89.50 -10.95
N ARG F 124 -38.47 90.77 -10.50
CA ARG F 124 -38.90 91.73 -11.49
C ARG F 124 -37.62 92.39 -11.91
N ASN F 125 -37.66 93.30 -12.89
CA ASN F 125 -36.49 94.05 -13.31
C ASN F 125 -35.35 93.18 -13.81
N GLY F 126 -35.53 91.87 -13.87
CA GLY F 126 -34.41 91.03 -14.24
C GLY F 126 -33.35 91.13 -13.18
N SER F 127 -33.70 90.76 -11.95
CA SER F 127 -32.72 90.77 -10.87
C SER F 127 -32.99 89.52 -10.07
N TRP F 128 -31.99 88.67 -9.91
CA TRP F 128 -32.19 87.39 -9.21
C TRP F 128 -33.05 87.47 -7.96
N GLU F 129 -34.17 86.73 -7.96
CA GLU F 129 -35.06 86.71 -6.80
C GLU F 129 -34.33 86.20 -5.57
N LEU F 130 -34.65 86.71 -4.38
CA LEU F 130 -34.07 86.23 -3.13
C LEU F 130 -35.09 86.47 -2.02
N VAL F 131 -35.88 85.45 -1.73
CA VAL F 131 -36.85 85.50 -0.63
C VAL F 131 -36.14 85.35 0.72
N PRO F 132 -35.10 84.52 0.86
CA PRO F 132 -34.50 84.35 2.19
C PRO F 132 -33.63 85.54 2.55
N GLY F 133 -33.76 85.98 3.80
CA GLY F 133 -33.05 87.17 4.23
C GLY F 133 -31.54 86.96 4.23
N HIS F 134 -30.81 88.03 3.90
CA HIS F 134 -29.36 88.05 3.93
C HIS F 134 -28.75 87.01 3.00
N ASN F 135 -29.49 86.56 1.99
CA ASN F 135 -29.00 85.60 1.03
C ASN F 135 -28.63 86.31 -0.28
N ARG F 136 -28.04 85.57 -1.20
CA ARG F 136 -27.61 86.11 -2.49
C ARG F 136 -28.66 85.96 -3.58
N THR F 137 -29.36 84.83 -3.63
CA THR F 137 -30.36 84.58 -4.66
C THR F 137 -31.25 83.43 -4.22
N TRP F 138 -32.30 83.20 -5.01
CA TRP F 138 -33.21 82.08 -4.79
C TRP F 138 -33.53 81.44 -6.12
N ALA F 139 -33.67 80.12 -6.12
CA ALA F 139 -33.97 79.38 -7.33
C ALA F 139 -34.50 78.01 -6.94
N ASN F 140 -35.53 77.56 -7.65
CA ASN F 140 -36.14 76.26 -7.41
C ASN F 140 -35.36 75.18 -8.16
N TYR F 141 -34.07 75.06 -7.82
CA TYR F 141 -33.19 74.07 -8.42
C TYR F 141 -33.32 72.73 -7.68
N SER F 142 -34.57 72.26 -7.58
CA SER F 142 -34.86 71.02 -6.90
C SER F 142 -35.71 70.11 -7.80
N GLU F 143 -36.28 70.68 -8.86
CA GLU F 143 -37.06 69.87 -9.79
C GLU F 143 -36.24 68.75 -10.38
N CYS F 144 -34.93 68.95 -10.54
CA CYS F 144 -34.08 67.92 -11.14
C CYS F 144 -33.71 66.84 -10.13
N VAL F 145 -33.28 67.26 -8.94
CA VAL F 145 -32.82 66.29 -7.94
C VAL F 145 -33.92 65.32 -7.56
N LYS F 146 -35.18 65.75 -7.64
CA LYS F 146 -36.30 64.87 -7.32
C LYS F 146 -36.69 64.04 -8.53
N GLU F 151 -29.97 52.52 -2.53
CA GLU F 151 -28.53 52.33 -2.48
C GLU F 151 -28.12 51.62 -1.20
N THR F 152 -28.98 51.68 -0.18
CA THR F 152 -28.66 51.03 1.09
C THR F 152 -28.77 49.52 0.99
N ARG F 153 -29.75 49.02 0.22
CA ARG F 153 -29.90 47.58 0.06
C ARG F 153 -28.68 46.96 -0.63
N GLU F 154 -28.16 47.65 -1.65
CA GLU F 154 -26.97 47.16 -2.34
C GLU F 154 -25.79 47.05 -1.39
N ARG F 155 -25.55 48.10 -0.60
CA ARG F 155 -24.46 48.08 0.36
C ARG F 155 -24.66 46.97 1.39
N GLU F 156 -25.91 46.78 1.84
CA GLU F 156 -26.17 45.75 2.84
C GLU F 156 -25.90 44.36 2.28
N VAL F 157 -26.36 44.07 1.06
CA VAL F 157 -26.13 42.75 0.48
C VAL F 157 -24.65 42.55 0.20
N PHE F 158 -23.95 43.61 -0.21
CA PHE F 158 -22.51 43.50 -0.43
C PHE F 158 -21.78 43.19 0.87
N ASP F 159 -22.15 43.86 1.97
CA ASP F 159 -21.53 43.58 3.25
C ASP F 159 -21.84 42.17 3.72
N ARG F 160 -23.05 41.69 3.49
CA ARG F 160 -23.40 40.33 3.87
C ARG F 160 -22.57 39.31 3.09
N LEU F 161 -22.46 39.50 1.77
CA LEU F 161 -21.63 38.63 0.97
C LEU F 161 -20.18 38.67 1.45
N ALA F 162 -19.66 39.86 1.73
CA ALA F 162 -18.31 39.99 2.26
C ALA F 162 -18.14 39.17 3.52
N MET F 163 -19.04 39.35 4.48
CA MET F 163 -18.93 38.63 5.75
C MET F 163 -18.94 37.13 5.52
N ILE F 164 -19.92 36.63 4.76
CA ILE F 164 -20.07 35.18 4.62
C ILE F 164 -18.86 34.59 3.92
N TYR F 165 -18.42 35.19 2.82
CA TYR F 165 -17.31 34.57 2.08
C TYR F 165 -15.99 34.78 2.81
N THR F 166 -15.87 35.83 3.61
CA THR F 166 -14.66 36.00 4.41
C THR F 166 -14.59 34.91 5.49
N VAL F 167 -15.71 34.66 6.18
CA VAL F 167 -15.72 33.57 7.16
C VAL F 167 -15.40 32.25 6.49
N GLY F 168 -16.02 31.99 5.34
CA GLY F 168 -15.76 30.75 4.64
C GLY F 168 -14.31 30.59 4.24
N TYR F 169 -13.72 31.64 3.67
CA TYR F 169 -12.32 31.58 3.24
C TYR F 169 -11.39 31.45 4.44
N SER F 170 -11.71 32.07 5.57
CA SER F 170 -10.87 31.92 6.76
C SER F 170 -10.90 30.48 7.27
N VAL F 171 -12.10 29.89 7.37
CA VAL F 171 -12.20 28.50 7.81
C VAL F 171 -11.46 27.59 6.84
N SER F 172 -11.61 27.84 5.53
CA SER F 172 -10.93 27.02 4.54
C SER F 172 -9.42 27.16 4.66
N LEU F 173 -8.92 28.38 4.86
CA LEU F 173 -7.49 28.60 5.01
C LEU F 173 -6.95 27.84 6.22
N ALA F 174 -7.66 27.92 7.36
CA ALA F 174 -7.22 27.21 8.55
C ALA F 174 -7.17 25.71 8.30
N SER F 175 -8.27 25.14 7.80
CA SER F 175 -8.30 23.70 7.56
C SER F 175 -7.21 23.29 6.56
N LEU F 176 -6.98 24.12 5.54
CA LEU F 176 -6.04 23.74 4.49
C LEU F 176 -4.60 23.83 4.97
N THR F 177 -4.27 24.85 5.77
CA THR F 177 -2.93 24.91 6.33
C THR F 177 -2.69 23.76 7.30
N VAL F 178 -3.72 23.40 8.08
CA VAL F 178 -3.58 22.24 8.96
C VAL F 178 -3.31 20.98 8.16
N ALA F 179 -4.09 20.77 7.09
CA ALA F 179 -3.92 19.58 6.26
C ALA F 179 -2.56 19.58 5.56
N VAL F 180 -2.10 20.75 5.12
CA VAL F 180 -0.79 20.83 4.45
C VAL F 180 0.31 20.48 5.43
N LEU F 181 0.26 21.02 6.64
CA LEU F 181 1.25 20.67 7.65
C LEU F 181 1.22 19.16 7.93
N ILE F 182 0.02 18.59 8.06
CA ILE F 182 -0.09 17.16 8.34
C ILE F 182 0.56 16.35 7.21
N LEU F 183 0.19 16.66 5.96
CA LEU F 183 0.70 15.88 4.83
C LEU F 183 2.20 16.07 4.65
N ALA F 184 2.73 17.26 4.99
CA ALA F 184 4.16 17.49 4.84
C ALA F 184 4.96 16.83 5.95
N TYR F 185 4.38 16.70 7.15
CA TYR F 185 5.10 16.05 8.24
C TYR F 185 5.28 14.57 7.97
N PHE F 186 4.19 13.87 7.69
CA PHE F 186 4.24 12.43 7.44
C PHE F 186 4.91 12.17 6.09
N ARG F 187 5.98 11.38 6.10
CA ARG F 187 6.70 11.09 4.86
C ARG F 187 6.09 9.91 4.10
N ARG F 188 5.45 8.97 4.80
CA ARG F 188 4.86 7.83 4.12
C ARG F 188 3.83 8.25 3.09
N LEU F 189 3.12 9.35 3.35
CA LEU F 189 2.09 9.82 2.44
C LEU F 189 2.65 10.52 1.20
N HIS F 190 3.96 10.69 1.11
CA HIS F 190 4.56 11.36 -0.04
C HIS F 190 4.31 10.55 -1.31
N CYS F 191 3.49 11.09 -2.21
CA CYS F 191 3.17 10.41 -3.46
C CYS F 191 2.55 11.41 -4.41
N THR F 192 2.52 11.04 -5.69
CA THR F 192 1.97 11.93 -6.72
C THR F 192 0.57 12.41 -6.33
N ARG F 193 -0.27 11.50 -5.86
CA ARG F 193 -1.61 11.89 -5.41
C ARG F 193 -1.53 12.92 -4.29
N ASN F 194 -0.74 12.63 -3.27
CA ASN F 194 -0.59 13.58 -2.17
C ASN F 194 0.14 14.85 -2.60
N TYR F 195 1.03 14.74 -3.59
CA TYR F 195 1.68 15.94 -4.11
C TYR F 195 0.65 16.87 -4.75
N ILE F 196 -0.23 16.32 -5.59
CA ILE F 196 -1.25 17.14 -6.21
C ILE F 196 -2.24 17.65 -5.17
N HIS F 197 -2.52 16.86 -4.12
CA HIS F 197 -3.38 17.34 -3.05
C HIS F 197 -2.77 18.53 -2.33
N MET F 198 -1.47 18.47 -2.03
CA MET F 198 -0.80 19.60 -1.40
C MET F 198 -0.78 20.80 -2.33
N HIS F 199 -0.57 20.57 -3.63
CA HIS F 199 -0.61 21.68 -4.58
C HIS F 199 -1.98 22.35 -4.57
N LEU F 200 -3.05 21.56 -4.59
CA LEU F 200 -4.40 22.13 -4.56
C LEU F 200 -4.64 22.89 -3.26
N PHE F 201 -4.20 22.34 -2.13
CA PHE F 201 -4.38 23.03 -0.85
C PHE F 201 -3.64 24.36 -0.85
N LEU F 202 -2.40 24.37 -1.33
CA LEU F 202 -1.62 25.61 -1.37
C LEU F 202 -2.28 26.61 -2.31
N SER F 203 -2.83 26.15 -3.43
CA SER F 203 -3.52 27.06 -4.35
C SER F 203 -4.75 27.68 -3.68
N PHE F 204 -5.52 26.87 -2.97
CA PHE F 204 -6.69 27.39 -2.26
C PHE F 204 -6.27 28.42 -1.22
N MET F 205 -5.23 28.10 -0.44
CA MET F 205 -4.78 29.02 0.59
C MET F 205 -4.28 30.34 -0.01
N LEU F 206 -3.53 30.26 -1.11
CA LEU F 206 -3.05 31.47 -1.75
C LEU F 206 -4.18 32.29 -2.33
N ARG F 207 -5.19 31.62 -2.90
CA ARG F 207 -6.37 32.33 -3.39
C ARG F 207 -7.07 33.07 -2.25
N ALA F 208 -7.23 32.41 -1.10
CA ALA F 208 -7.88 33.05 0.03
C ALA F 208 -7.07 34.25 0.51
N VAL F 209 -5.75 34.08 0.64
CA VAL F 209 -4.91 35.17 1.13
C VAL F 209 -4.93 36.34 0.14
N SER F 210 -4.96 36.04 -1.16
CA SER F 210 -4.99 37.11 -2.15
C SER F 210 -6.32 37.85 -2.13
N ILE F 211 -7.42 37.12 -1.93
CA ILE F 211 -8.72 37.77 -1.80
C ILE F 211 -8.73 38.66 -0.56
N PHE F 212 -8.16 38.19 0.54
CA PHE F 212 -8.06 39.01 1.75
C PHE F 212 -7.27 40.29 1.47
N VAL F 213 -6.11 40.16 0.83
CA VAL F 213 -5.28 41.33 0.55
C VAL F 213 -6.03 42.30 -0.36
N LYS F 214 -6.70 41.77 -1.38
CA LYS F 214 -7.48 42.63 -2.27
C LYS F 214 -8.55 43.40 -1.50
N ASP F 215 -9.30 42.70 -0.65
CA ASP F 215 -10.32 43.37 0.16
C ASP F 215 -9.69 44.41 1.07
N ALA F 216 -8.45 44.18 1.51
CA ALA F 216 -7.80 45.15 2.40
C ALA F 216 -7.25 46.34 1.63
N VAL F 217 -6.74 46.11 0.42
CA VAL F 217 -6.13 47.19 -0.35
C VAL F 217 -7.20 48.04 -1.04
N LEU F 218 -8.16 47.38 -1.69
CA LEU F 218 -9.16 48.13 -2.46
C LEU F 218 -10.11 48.88 -1.54
N TYR F 219 -10.79 48.17 -0.65
CA TYR F 219 -11.83 48.74 0.19
C TYR F 219 -11.36 48.80 1.65
N SER F 220 -11.66 49.91 2.30
CA SER F 220 -11.29 50.10 3.70
C SER F 220 -9.78 49.99 3.87
N ALA F 250 -5.40 57.92 -9.69
CA ALA F 250 -6.01 56.85 -8.91
C ALA F 250 -5.42 55.49 -9.27
N GLY F 251 -4.58 55.47 -10.30
CA GLY F 251 -3.96 54.24 -10.74
C GLY F 251 -2.68 53.92 -9.99
N TYR F 252 -2.77 53.80 -8.66
CA TYR F 252 -1.61 53.49 -7.85
C TYR F 252 -1.11 52.07 -8.15
N ALA F 253 0.16 51.84 -7.81
CA ALA F 253 0.77 50.55 -8.10
C ALA F 253 0.21 49.44 -7.21
N GLY F 254 -0.04 49.72 -5.94
CA GLY F 254 -0.55 48.69 -5.05
C GLY F 254 -1.89 48.15 -5.49
N CYS F 255 -2.77 49.04 -5.96
CA CYS F 255 -4.08 48.61 -6.43
C CYS F 255 -3.96 47.57 -7.55
N ARG F 256 -3.25 47.92 -8.63
CA ARG F 256 -3.12 47.02 -9.75
C ARG F 256 -2.37 45.76 -9.36
N VAL F 257 -1.35 45.88 -8.51
CA VAL F 257 -0.60 44.71 -8.07
C VAL F 257 -1.51 43.73 -7.34
N ALA F 258 -2.30 44.23 -6.39
CA ALA F 258 -3.21 43.36 -5.65
C ALA F 258 -4.25 42.74 -6.59
N VAL F 259 -4.78 43.54 -7.52
CA VAL F 259 -5.80 43.01 -8.43
C VAL F 259 -5.23 41.89 -9.29
N THR F 260 -4.05 42.10 -9.88
CA THR F 260 -3.47 41.07 -10.75
C THR F 260 -3.05 39.85 -9.94
N PHE F 261 -2.57 40.04 -8.72
CA PHE F 261 -2.23 38.89 -7.88
C PHE F 261 -3.47 38.07 -7.55
N PHE F 262 -4.57 38.73 -7.18
CA PHE F 262 -5.81 38.01 -6.91
C PHE F 262 -6.28 37.25 -8.14
N LEU F 263 -6.25 37.90 -9.30
CA LEU F 263 -6.67 37.23 -10.53
C LEU F 263 -5.79 36.01 -10.81
N TYR F 264 -4.47 36.17 -10.70
CA TYR F 264 -3.56 35.05 -10.97
C TYR F 264 -3.78 33.90 -10.00
N PHE F 265 -4.01 34.21 -8.73
CA PHE F 265 -4.20 33.15 -7.75
C PHE F 265 -5.53 32.43 -7.96
N LEU F 266 -6.58 33.18 -8.30
CA LEU F 266 -7.84 32.54 -8.65
C LEU F 266 -7.69 31.63 -9.86
N ALA F 267 -6.97 32.10 -10.89
CA ALA F 267 -6.76 31.28 -12.07
C ALA F 267 -5.96 30.03 -11.74
N THR F 268 -4.94 30.16 -10.90
CA THR F 268 -4.14 28.99 -10.53
C THR F 268 -4.98 28.00 -9.72
N ASN F 269 -5.84 28.50 -8.83
CA ASN F 269 -6.72 27.61 -8.07
C ASN F 269 -7.65 26.85 -9.00
N TYR F 270 -8.26 27.54 -9.95
CA TYR F 270 -9.16 26.87 -10.90
C TYR F 270 -8.40 25.86 -11.74
N TYR F 271 -7.20 26.21 -12.18
CA TYR F 271 -6.43 25.29 -13.03
C TYR F 271 -5.95 24.08 -12.24
N TRP F 272 -5.69 24.24 -10.94
CA TRP F 272 -5.35 23.08 -10.12
C TRP F 272 -6.56 22.19 -9.87
N ILE F 273 -7.73 22.81 -9.67
CA ILE F 273 -8.96 22.03 -9.58
C ILE F 273 -9.17 21.22 -10.85
N LEU F 274 -8.84 21.81 -12.00
CA LEU F 274 -8.97 21.08 -13.27
C LEU F 274 -7.90 19.99 -13.40
N VAL F 275 -6.68 20.27 -12.94
CA VAL F 275 -5.59 19.29 -13.04
C VAL F 275 -5.89 18.09 -12.16
N GLU F 276 -6.59 18.29 -11.04
CA GLU F 276 -7.01 17.16 -10.23
C GLU F 276 -7.84 16.18 -11.05
N GLY F 277 -8.89 16.68 -11.70
CA GLY F 277 -9.72 15.82 -12.53
C GLY F 277 -8.98 15.24 -13.71
N LEU F 278 -8.06 16.02 -14.30
CA LEU F 278 -7.26 15.51 -15.40
C LEU F 278 -6.41 14.33 -14.95
N TYR F 279 -5.76 14.45 -13.80
CA TYR F 279 -4.93 13.37 -13.28
C TYR F 279 -5.78 12.15 -12.94
N LEU F 280 -6.98 12.37 -12.38
CA LEU F 280 -7.86 11.25 -12.07
C LEU F 280 -8.28 10.53 -13.36
N HIS F 281 -8.63 11.23 -14.39
CA HIS F 281 -9.00 10.60 -15.63
C HIS F 281 -7.86 9.88 -16.25
N SER F 282 -6.69 10.47 -16.15
CA SER F 282 -5.52 9.77 -16.68
C SER F 282 -5.30 8.46 -15.94
N LEU F 283 -5.29 8.49 -14.61
CA LEU F 283 -5.07 7.28 -13.85
C LEU F 283 -6.15 6.23 -14.10
N ILE F 284 -7.37 6.67 -14.41
CA ILE F 284 -8.45 5.71 -14.65
C ILE F 284 -8.37 5.16 -16.06
N PHE F 285 -8.41 5.99 -17.07
CA PHE F 285 -8.58 5.49 -18.40
C PHE F 285 -7.39 5.37 -19.23
N MET F 286 -7.22 6.47 -19.90
CA MET F 286 -6.33 6.47 -21.03
C MET F 286 -4.97 6.23 -20.70
N ALA F 287 -4.73 6.29 -19.45
CA ALA F 287 -3.39 6.18 -19.16
C ALA F 287 -3.55 5.05 -18.29
N PHE F 288 -2.71 4.88 -17.28
CA PHE F 288 -2.68 3.65 -16.50
C PHE F 288 -1.96 2.72 -17.45
N PHE F 289 -1.21 1.80 -16.92
CA PHE F 289 -0.39 1.01 -17.76
C PHE F 289 0.59 2.02 -18.37
N SER F 290 0.51 3.31 -17.99
CA SER F 290 1.54 4.24 -18.46
C SER F 290 2.25 4.73 -17.23
N GLU F 291 2.27 6.03 -17.00
CA GLU F 291 3.02 6.52 -15.88
C GLU F 291 2.11 7.26 -14.95
N LYS F 292 2.64 7.76 -13.84
CA LYS F 292 1.85 8.57 -12.95
C LYS F 292 2.73 9.79 -12.87
N LYS F 293 3.75 9.83 -13.72
CA LYS F 293 4.61 11.00 -13.78
C LYS F 293 4.56 11.88 -15.06
N TYR F 294 3.55 12.75 -15.20
CA TYR F 294 3.43 13.73 -16.31
C TYR F 294 3.29 14.80 -15.30
N LEU F 295 3.68 14.52 -14.10
CA LEU F 295 3.68 15.33 -12.89
C LEU F 295 4.29 16.69 -13.15
N TRP F 296 5.48 16.72 -13.73
CA TRP F 296 6.09 18.01 -14.09
C TRP F 296 5.24 18.75 -15.11
N GLY F 297 4.72 18.03 -16.11
CA GLY F 297 3.85 18.66 -17.08
C GLY F 297 2.57 19.20 -16.45
N PHE F 298 1.99 18.44 -15.52
CA PHE F 298 0.79 18.92 -14.83
C PHE F 298 1.09 20.18 -14.02
N THR F 299 2.22 20.19 -13.32
CA THR F 299 2.60 21.37 -12.54
C THR F 299 2.81 22.58 -13.44
N VAL F 300 3.48 22.37 -14.59
CA VAL F 300 3.72 23.46 -15.52
C VAL F 300 2.39 23.99 -16.06
N PHE F 301 1.48 23.10 -16.42
CA PHE F 301 0.18 23.54 -16.94
C PHE F 301 -0.62 24.25 -15.86
N GLY F 302 -0.45 23.86 -14.60
CA GLY F 302 -1.21 24.46 -13.53
C GLY F 302 -0.68 25.80 -13.08
N TRP F 303 0.63 26.03 -13.24
CA TRP F 303 1.23 27.30 -12.81
C TRP F 303 1.42 28.30 -13.95
N GLY F 304 1.98 27.87 -15.08
CA GLY F 304 2.34 28.78 -16.15
C GLY F 304 1.17 29.40 -16.88
N LEU F 305 0.40 28.58 -17.60
CA LEU F 305 -0.68 29.11 -18.43
C LEU F 305 -1.57 30.10 -17.70
N PRO F 306 -1.95 29.87 -16.43
CA PRO F 306 -2.61 30.96 -15.68
C PRO F 306 -1.82 32.25 -15.72
N ALA F 307 -0.53 32.21 -15.35
CA ALA F 307 0.30 33.39 -15.44
C ALA F 307 0.38 33.89 -16.87
N VAL F 308 0.37 32.99 -17.85
CA VAL F 308 0.46 33.39 -19.25
C VAL F 308 -0.68 34.32 -19.61
N PHE F 309 -1.93 33.83 -19.49
CA PHE F 309 -3.03 34.68 -19.91
C PHE F 309 -3.29 35.81 -18.92
N VAL F 310 -2.84 35.69 -17.67
CA VAL F 310 -2.95 36.82 -16.75
C VAL F 310 -2.04 37.96 -17.21
N ALA F 311 -0.82 37.64 -17.62
CA ALA F 311 0.07 38.66 -18.15
C ALA F 311 -0.45 39.21 -19.47
N VAL F 312 -1.07 38.36 -20.29
CA VAL F 312 -1.70 38.85 -21.52
C VAL F 312 -2.75 39.90 -21.20
N TRP F 313 -3.65 39.57 -20.26
CA TRP F 313 -4.70 40.52 -19.89
C TRP F 313 -4.12 41.77 -19.26
N VAL F 314 -3.06 41.64 -18.47
CA VAL F 314 -2.44 42.80 -17.85
C VAL F 314 -1.85 43.73 -18.91
N SER F 315 -1.18 43.14 -19.90
CA SER F 315 -0.63 43.94 -20.99
C SER F 315 -1.74 44.63 -21.77
N VAL F 316 -2.83 43.91 -22.05
CA VAL F 316 -3.95 44.51 -22.76
C VAL F 316 -4.50 45.70 -21.97
N ARG F 317 -4.70 45.52 -20.67
CA ARG F 317 -5.25 46.58 -19.84
C ARG F 317 -4.31 47.78 -19.77
N ALA F 318 -3.01 47.53 -19.72
CA ALA F 318 -2.05 48.62 -19.57
C ALA F 318 -1.80 49.35 -20.90
N THR F 319 -2.01 48.68 -22.03
CA THR F 319 -1.76 49.30 -23.32
C THR F 319 -3.00 49.95 -23.91
N LEU F 320 -4.18 49.38 -23.69
CA LEU F 320 -5.40 49.88 -24.31
C LEU F 320 -6.08 50.96 -23.46
N ALA F 321 -6.39 50.66 -22.20
CA ALA F 321 -7.13 51.57 -21.34
C ALA F 321 -6.27 52.16 -20.23
N ASN F 322 -5.68 51.31 -19.39
CA ASN F 322 -4.81 51.75 -18.29
C ASN F 322 -5.47 52.84 -17.45
N THR F 323 -6.79 52.81 -17.32
CA THR F 323 -7.50 53.84 -16.57
C THR F 323 -7.69 53.40 -15.12
N GLY F 324 -7.09 54.14 -14.19
CA GLY F 324 -7.25 53.88 -12.78
C GLY F 324 -6.99 52.43 -12.39
N CYS F 325 -7.59 52.01 -11.28
CA CYS F 325 -7.44 50.63 -10.84
C CYS F 325 -7.99 49.66 -11.88
N TRP F 326 -7.51 48.43 -11.84
CA TRP F 326 -7.94 47.39 -12.75
C TRP F 326 -9.17 46.64 -12.27
N ASP F 327 -9.81 47.10 -11.19
CA ASP F 327 -11.01 46.46 -10.68
C ASP F 327 -12.26 46.86 -11.43
N LEU F 328 -12.17 47.85 -12.33
CA LEU F 328 -13.32 48.31 -13.11
C LEU F 328 -13.25 47.71 -14.51
N SER F 329 -14.37 47.18 -14.97
CA SER F 329 -14.44 46.58 -16.30
C SER F 329 -14.51 47.65 -17.37
N SER F 330 -13.64 47.53 -18.38
CA SER F 330 -13.57 48.48 -19.49
C SER F 330 -13.61 47.68 -20.79
N GLY F 331 -14.81 47.42 -21.30
CA GLY F 331 -14.96 46.68 -22.53
C GLY F 331 -15.06 45.19 -22.31
N ASN F 332 -14.81 44.44 -23.39
CA ASN F 332 -14.89 42.98 -23.36
C ASN F 332 -13.57 42.33 -22.99
N LYS F 333 -12.54 43.11 -22.65
CA LYS F 333 -11.25 42.53 -22.28
C LYS F 333 -11.35 41.67 -21.03
N LYS F 334 -12.41 41.82 -20.24
CA LYS F 334 -12.55 41.02 -19.03
C LYS F 334 -12.64 39.53 -19.35
N TRP F 335 -13.14 39.18 -20.53
CA TRP F 335 -13.31 37.77 -20.89
C TRP F 335 -11.99 37.05 -21.12
N ILE F 336 -10.86 37.77 -21.14
CA ILE F 336 -9.58 37.13 -21.39
C ILE F 336 -9.26 36.13 -20.29
N ILE F 337 -9.68 36.40 -19.06
CA ILE F 337 -9.36 35.54 -17.93
C ILE F 337 -10.57 34.68 -17.58
N GLN F 338 -11.76 35.10 -18.03
CA GLN F 338 -12.98 34.39 -17.67
C GLN F 338 -13.28 33.25 -18.64
N VAL F 339 -12.93 33.40 -19.91
CA VAL F 339 -13.21 32.37 -20.91
C VAL F 339 -12.36 31.13 -20.61
N PRO F 340 -11.07 31.30 -20.30
CA PRO F 340 -10.29 30.11 -19.89
C PRO F 340 -10.86 29.43 -18.66
N ILE F 341 -11.33 30.20 -17.68
CA ILE F 341 -11.87 29.60 -16.46
C ILE F 341 -13.15 28.83 -16.79
N LEU F 342 -14.00 29.39 -17.64
CA LEU F 342 -15.22 28.69 -18.02
C LEU F 342 -14.90 27.41 -18.80
N ALA F 343 -13.91 27.46 -19.70
CA ALA F 343 -13.49 26.27 -20.42
C ALA F 343 -12.99 25.20 -19.46
N SER F 344 -12.17 25.62 -18.48
CA SER F 344 -11.68 24.68 -17.48
C SER F 344 -12.83 24.07 -16.69
N ILE F 345 -13.83 24.89 -16.32
CA ILE F 345 -14.95 24.38 -15.54
C ILE F 345 -15.74 23.35 -16.33
N VAL F 346 -16.03 23.65 -17.60
CA VAL F 346 -16.81 22.71 -18.40
C VAL F 346 -16.02 21.42 -18.65
N LEU F 347 -14.70 21.55 -18.87
CA LEU F 347 -13.88 20.35 -19.06
C LEU F 347 -13.86 19.50 -17.80
N ASN F 348 -13.75 20.15 -16.63
CA ASN F 348 -13.78 19.41 -15.38
C ASN F 348 -15.12 18.74 -15.15
N PHE F 349 -16.22 19.40 -15.54
CA PHE F 349 -17.54 18.79 -15.41
C PHE F 349 -17.66 17.58 -16.31
N ILE F 350 -17.16 17.67 -17.54
CA ILE F 350 -17.18 16.53 -18.45
C ILE F 350 -16.36 15.37 -17.87
N LEU F 351 -15.18 15.69 -17.33
CA LEU F 351 -14.35 14.66 -16.73
C LEU F 351 -15.05 14.02 -15.52
N PHE F 352 -15.77 14.83 -14.74
CA PHE F 352 -16.51 14.29 -13.62
C PHE F 352 -17.62 13.35 -14.09
N ILE F 353 -18.33 13.73 -15.15
CA ILE F 353 -19.35 12.85 -15.71
C ILE F 353 -18.73 11.54 -16.16
N ASN F 354 -17.60 11.61 -16.85
CA ASN F 354 -16.94 10.40 -17.32
C ASN F 354 -16.50 9.52 -16.15
N ILE F 355 -15.96 10.13 -15.10
CA ILE F 355 -15.53 9.37 -13.94
C ILE F 355 -16.71 8.71 -13.25
N VAL F 356 -17.84 9.41 -13.17
CA VAL F 356 -19.03 8.84 -12.55
C VAL F 356 -19.53 7.66 -13.38
N ARG F 357 -19.50 7.80 -14.71
CA ARG F 357 -19.91 6.70 -15.58
C ARG F 357 -19.01 5.48 -15.38
N VAL F 358 -17.69 5.71 -15.33
CA VAL F 358 -16.75 4.60 -15.13
C VAL F 358 -16.99 3.94 -13.79
N LEU F 359 -17.23 4.75 -12.74
CA LEU F 359 -17.46 4.20 -11.41
C LEU F 359 -18.73 3.36 -11.40
N ALA F 360 -19.79 3.85 -12.04
CA ALA F 360 -21.03 3.08 -12.09
C ALA F 360 -20.83 1.77 -12.84
N THR F 361 -20.12 1.81 -13.97
CA THR F 361 -19.86 0.60 -14.73
C THR F 361 -19.07 -0.42 -13.89
N LYS F 362 -18.04 0.05 -13.19
CA LYS F 362 -17.24 -0.85 -12.38
C LYS F 362 -18.04 -1.42 -11.22
N LEU F 363 -18.86 -0.59 -10.56
CA LEU F 363 -19.72 -1.10 -9.51
C LEU F 363 -20.67 -2.16 -10.03
N ARG F 364 -21.19 -1.95 -11.25
CA ARG F 364 -22.03 -2.98 -11.87
C ARG F 364 -21.22 -4.25 -12.12
N GLU F 365 -19.94 -4.10 -12.47
CA GLU F 365 -19.10 -5.28 -12.73
C GLU F 365 -18.96 -6.12 -11.46
N THR F 366 -18.51 -5.51 -10.37
CA THR F 366 -18.31 -6.22 -9.10
C THR F 366 -19.58 -6.28 -8.26
N ASN F 367 -20.72 -5.85 -8.80
CA ASN F 367 -21.97 -5.87 -8.06
C ASN F 367 -21.86 -5.09 -6.76
N THR F 373 -28.72 -3.39 -6.71
CA THR F 373 -28.59 -3.57 -5.27
C THR F 373 -28.62 -2.22 -4.55
N ARG F 374 -29.41 -2.15 -3.48
CA ARG F 374 -29.49 -0.91 -2.72
C ARG F 374 -28.13 -0.49 -2.18
N GLN F 375 -27.32 -1.47 -1.75
CA GLN F 375 -25.97 -1.16 -1.29
C GLN F 375 -25.14 -0.54 -2.39
N GLN F 376 -25.28 -1.04 -3.63
CA GLN F 376 -24.53 -0.48 -4.75
C GLN F 376 -24.95 0.97 -5.00
N TYR F 377 -26.26 1.24 -4.96
CA TYR F 377 -26.72 2.61 -5.17
C TYR F 377 -26.22 3.53 -4.06
N ARG F 378 -26.25 3.07 -2.81
CA ARG F 378 -25.76 3.89 -1.71
C ARG F 378 -24.28 4.18 -1.86
N LYS F 379 -23.48 3.17 -2.23
CA LYS F 379 -22.05 3.39 -2.41
C LYS F 379 -21.78 4.33 -3.57
N LEU F 380 -22.54 4.21 -4.66
CA LEU F 380 -22.37 5.11 -5.79
C LEU F 380 -22.70 6.55 -5.39
N LEU F 381 -23.79 6.73 -4.64
CA LEU F 381 -24.14 8.07 -4.17
C LEU F 381 -23.05 8.63 -3.26
N LYS F 382 -22.53 7.81 -2.36
CA LYS F 382 -21.45 8.26 -1.48
C LYS F 382 -20.24 8.69 -2.29
N SER F 383 -19.83 7.87 -3.26
CA SER F 383 -18.67 8.20 -4.07
C SER F 383 -18.91 9.49 -4.86
N THR F 384 -20.11 9.65 -5.43
CA THR F 384 -20.41 10.85 -6.19
C THR F 384 -20.35 12.09 -5.30
N LEU F 385 -20.94 12.01 -4.10
CA LEU F 385 -20.92 13.15 -3.19
C LEU F 385 -19.51 13.46 -2.73
N VAL F 386 -18.69 12.44 -2.54
CA VAL F 386 -17.32 12.67 -2.08
C VAL F 386 -16.47 13.28 -3.20
N LEU F 387 -16.74 12.89 -4.45
CA LEU F 387 -15.97 13.41 -5.58
C LEU F 387 -16.46 14.76 -6.05
N MET F 388 -17.71 15.13 -5.73
CA MET F 388 -18.23 16.42 -6.15
C MET F 388 -17.36 17.60 -5.76
N PRO F 389 -16.97 17.78 -4.49
CA PRO F 389 -16.13 18.94 -4.15
C PRO F 389 -14.74 18.92 -4.78
N LEU F 390 -14.26 17.75 -5.22
CA LEU F 390 -12.94 17.69 -5.85
C LEU F 390 -12.97 18.33 -7.23
N PHE F 391 -14.02 18.08 -8.01
CA PHE F 391 -14.12 18.58 -9.36
C PHE F 391 -14.80 19.95 -9.44
N GLY F 392 -15.35 20.46 -8.34
CA GLY F 392 -16.04 21.73 -8.38
C GLY F 392 -17.30 21.70 -9.22
N VAL F 393 -18.17 20.71 -9.00
CA VAL F 393 -19.38 20.58 -9.81
C VAL F 393 -20.32 21.76 -9.56
N HIS F 394 -20.24 22.38 -8.38
CA HIS F 394 -21.14 23.48 -8.07
C HIS F 394 -20.95 24.66 -9.03
N TYR F 395 -19.80 24.76 -9.71
CA TYR F 395 -19.60 25.83 -10.67
C TYR F 395 -20.47 25.66 -11.91
N ILE F 396 -20.97 24.45 -12.19
CA ILE F 396 -21.74 24.20 -13.39
C ILE F 396 -23.12 24.84 -13.32
N VAL F 397 -23.58 25.21 -12.12
CA VAL F 397 -24.92 25.79 -11.99
C VAL F 397 -25.00 27.12 -12.72
N PHE F 398 -24.15 28.08 -12.32
CA PHE F 398 -24.12 29.41 -12.90
C PHE F 398 -22.94 29.62 -13.83
N MET F 399 -22.56 28.59 -14.59
CA MET F 399 -21.42 28.71 -15.50
C MET F 399 -21.69 29.75 -16.57
N ALA F 400 -22.78 29.59 -17.32
CA ALA F 400 -23.10 30.48 -18.43
C ALA F 400 -23.95 31.67 -18.01
N THR F 401 -24.12 31.90 -16.71
CA THR F 401 -24.93 33.03 -16.26
C THR F 401 -24.28 34.34 -16.69
N PRO F 402 -25.01 35.23 -17.38
CA PRO F 402 -24.40 36.48 -17.82
C PRO F 402 -24.32 37.52 -16.70
N TYR F 403 -23.85 38.71 -17.01
CA TYR F 403 -23.71 39.79 -16.03
C TYR F 403 -25.10 40.37 -15.76
N THR F 404 -25.78 39.80 -14.79
CA THR F 404 -27.12 40.26 -14.43
C THR F 404 -27.04 41.49 -13.54
N GLU F 405 -28.07 42.33 -13.63
CA GLU F 405 -28.12 43.54 -12.83
C GLU F 405 -28.08 43.21 -11.34
N VAL F 406 -27.65 44.19 -10.54
CA VAL F 406 -27.51 43.96 -9.10
C VAL F 406 -28.89 43.77 -8.48
N SER F 407 -29.86 44.61 -8.84
CA SER F 407 -31.20 44.53 -8.28
C SER F 407 -32.02 43.48 -9.03
N GLY F 408 -31.64 42.23 -8.84
CA GLY F 408 -32.32 41.12 -9.49
C GLY F 408 -32.26 39.88 -8.62
N THR F 409 -33.32 39.09 -8.69
CA THR F 409 -33.38 37.86 -7.91
C THR F 409 -32.30 36.88 -8.36
N LEU F 410 -32.13 36.73 -9.67
CA LEU F 410 -31.11 35.82 -10.19
C LEU F 410 -29.73 36.24 -9.72
N TRP F 411 -29.41 37.53 -9.81
CA TRP F 411 -28.10 38.00 -9.37
C TRP F 411 -27.87 37.71 -7.89
N GLN F 412 -28.85 38.01 -7.06
CA GLN F 412 -28.68 37.80 -5.62
C GLN F 412 -28.53 36.33 -5.28
N VAL F 413 -29.37 35.47 -5.86
CA VAL F 413 -29.27 34.04 -5.55
C VAL F 413 -27.95 33.49 -6.06
N GLN F 414 -27.50 33.91 -7.24
CA GLN F 414 -26.21 33.47 -7.75
C GLN F 414 -25.09 33.89 -6.82
N MET F 415 -25.11 35.15 -6.39
CA MET F 415 -24.04 35.65 -5.51
C MET F 415 -24.02 34.86 -4.20
N HIS F 416 -25.19 34.64 -3.60
CA HIS F 416 -25.24 33.89 -2.36
C HIS F 416 -24.71 32.47 -2.56
N TYR F 417 -25.27 31.75 -3.53
CA TYR F 417 -24.85 30.37 -3.78
C TYR F 417 -23.35 30.28 -4.00
N GLU F 418 -22.80 31.18 -4.82
CA GLU F 418 -21.37 31.15 -5.11
C GLU F 418 -20.55 31.47 -3.88
N MET F 419 -20.73 32.68 -3.32
CA MET F 419 -19.97 33.09 -2.15
C MET F 419 -20.09 32.10 -1.00
N LEU F 420 -21.08 31.21 -1.01
CA LEU F 420 -21.15 30.15 0.00
C LEU F 420 -20.37 28.91 -0.43
N PHE F 421 -20.70 28.36 -1.61
CA PHE F 421 -20.15 27.08 -2.00
C PHE F 421 -18.68 27.18 -2.38
N ASN F 422 -18.32 28.19 -3.17
CA ASN F 422 -16.92 28.38 -3.53
C ASN F 422 -16.07 28.59 -2.29
N SER F 423 -16.63 29.21 -1.26
CA SER F 423 -15.87 29.46 -0.04
C SER F 423 -15.72 28.19 0.78
N PHE F 424 -16.80 27.44 0.96
CA PHE F 424 -16.76 26.22 1.76
C PHE F 424 -16.14 25.04 1.01
N GLN F 425 -15.85 25.20 -0.29
CA GLN F 425 -15.20 24.12 -1.03
C GLN F 425 -13.84 23.77 -0.44
N GLY F 426 -13.07 24.79 -0.04
CA GLY F 426 -11.78 24.52 0.56
C GLY F 426 -11.89 23.68 1.82
N PHE F 427 -12.82 24.07 2.70
CA PHE F 427 -13.02 23.32 3.94
C PHE F 427 -13.48 21.89 3.65
N PHE F 428 -14.42 21.73 2.72
CA PHE F 428 -14.91 20.39 2.39
C PHE F 428 -13.80 19.51 1.85
N VAL F 429 -13.01 20.05 0.91
CA VAL F 429 -11.93 19.26 0.31
C VAL F 429 -10.88 18.92 1.35
N ALA F 430 -10.52 19.89 2.20
CA ALA F 430 -9.56 19.64 3.26
C ALA F 430 -10.02 18.50 4.15
N ILE F 431 -11.26 18.59 4.65
CA ILE F 431 -11.81 17.52 5.48
C ILE F 431 -11.70 16.18 4.74
N ILE F 432 -12.28 16.12 3.54
CA ILE F 432 -12.41 14.86 2.83
C ILE F 432 -11.05 14.22 2.62
N TYR F 433 -10.06 15.00 2.18
CA TYR F 433 -8.80 14.44 1.72
C TYR F 433 -7.68 14.53 2.75
N CYS F 434 -7.96 14.85 4.00
CA CYS F 434 -6.94 14.79 5.03
C CYS F 434 -7.46 14.25 6.37
N PHE F 435 -8.71 14.41 6.71
CA PHE F 435 -9.22 13.76 7.92
C PHE F 435 -10.03 12.51 7.62
N CYS F 436 -10.70 12.45 6.47
CA CYS F 436 -11.49 11.29 6.08
C CYS F 436 -10.68 10.24 5.33
N ASN F 437 -9.42 10.53 5.01
CA ASN F 437 -8.58 9.57 4.30
C ASN F 437 -8.05 8.52 5.27
N GLY F 438 -8.22 7.25 4.90
CA GLY F 438 -7.79 6.18 5.78
C GLY F 438 -6.30 6.19 6.05
N GLU F 439 -5.50 6.49 5.03
CA GLU F 439 -4.06 6.49 5.21
C GLU F 439 -3.62 7.57 6.19
N VAL F 440 -4.18 8.78 6.07
CA VAL F 440 -3.81 9.86 6.99
C VAL F 440 -4.21 9.50 8.41
N GLN F 441 -5.40 8.93 8.59
CA GLN F 441 -5.85 8.53 9.92
C GLN F 441 -4.94 7.46 10.50
N ALA F 442 -4.56 6.47 9.70
CA ALA F 442 -3.66 5.42 10.19
C ALA F 442 -2.30 6.00 10.57
N GLU F 443 -1.76 6.90 9.75
CA GLU F 443 -0.48 7.51 10.07
C GLU F 443 -0.56 8.32 11.36
N ILE F 444 -1.64 9.09 11.53
CA ILE F 444 -1.81 9.88 12.75
C ILE F 444 -1.91 8.96 13.97
N LYS F 445 -2.67 7.87 13.84
CA LYS F 445 -2.80 6.92 14.95
C LYS F 445 -1.45 6.32 15.30
N LYS F 446 -0.69 5.90 14.29
CA LYS F 446 0.63 5.33 14.55
C LYS F 446 1.53 6.33 15.25
N SER F 447 1.56 7.57 14.75
CA SER F 447 2.42 8.60 15.35
C SER F 447 2.02 8.87 16.79
N TRP F 448 0.72 8.99 17.06
CA TRP F 448 0.26 9.26 18.41
C TRP F 448 0.60 8.12 19.34
N SER F 449 0.38 6.88 18.90
CA SER F 449 0.68 5.73 19.74
C SER F 449 2.18 5.64 20.04
N ARG F 450 3.02 5.87 19.03
CA ARG F 450 4.46 5.81 19.26
C ARG F 450 4.93 6.93 20.18
N TRP F 451 4.34 8.13 20.04
CA TRP F 451 4.71 9.23 20.92
C TRP F 451 4.29 8.94 22.35
N THR F 452 3.09 8.38 22.54
CA THR F 452 2.64 8.05 23.89
C THR F 452 3.50 6.96 24.51
N LEU F 453 3.88 5.96 23.72
CA LEU F 453 4.73 4.89 24.25
C LEU F 453 6.13 5.38 24.55
N ALA F 454 6.64 6.33 23.76
CA ALA F 454 7.98 6.86 24.02
C ALA F 454 7.99 7.77 25.25
N LEU F 455 6.96 8.61 25.38
CA LEU F 455 6.87 9.53 26.50
C LEU F 455 6.79 8.77 27.82
C1 CLR G . -8.76 41.11 -26.63
C2 CLR G . -8.93 42.63 -26.54
C3 CLR G . -10.15 43.09 -27.30
C4 CLR G . -11.39 42.39 -26.76
C5 CLR G . -11.24 40.88 -26.76
C6 CLR G . -12.17 40.11 -27.30
C7 CLR G . -12.26 38.63 -27.14
C8 CLR G . -11.14 38.05 -26.28
C9 CLR G . -9.84 38.83 -26.50
C10 CLR G . -9.99 40.33 -26.11
C11 CLR G . -8.63 38.15 -25.83
C12 CLR G . -8.51 36.66 -26.16
C13 CLR G . -9.80 35.90 -25.83
C14 CLR G . -10.91 36.59 -26.63
C15 CLR G . -12.10 35.63 -26.54
C16 CLR G . -11.44 34.24 -26.53
C17 CLR G . -9.90 34.46 -26.40
C18 CLR G . -10.05 35.90 -24.33
C19 CLR G . -10.11 40.51 -24.58
C20 CLR G . -9.23 33.31 -25.65
C21 CLR G . -7.76 33.55 -25.39
C22 CLR G . -9.44 31.99 -26.41
C23 CLR G . -10.46 31.06 -25.82
C24 CLR G . -9.85 30.08 -24.86
C25 CLR G . -9.34 30.67 -23.55
C26 CLR G . -8.61 29.62 -22.72
C27 CLR G . -10.47 31.29 -22.74
O1 CLR G . -10.31 44.50 -27.14
C1 CLR H . -20.68 37.08 -23.25
C2 CLR H . -21.27 38.46 -23.01
C3 CLR H . -22.78 38.41 -22.96
C4 CLR H . -23.22 37.47 -21.87
C5 CLR H . -22.61 36.09 -21.99
C6 CLR H . -23.37 35.01 -21.93
C7 CLR H . -22.86 33.61 -21.92
C8 CLR H . -21.34 33.52 -21.81
C9 CLR H . -20.68 34.62 -22.65
C10 CLR H . -21.10 36.05 -22.17
C11 CLR H . -19.16 34.45 -22.77
C12 CLR H . -18.75 33.05 -23.23
C13 CLR H . -19.32 31.98 -22.31
C14 CLR H . -20.84 32.16 -22.29
C15 CLR H . -21.35 30.91 -21.59
C16 CLR H . -20.43 29.81 -22.14
C17 CLR H . -19.23 30.52 -22.84
C18 CLR H . -18.70 32.07 -20.91
C19 CLR H . -20.44 36.40 -20.83
C20 CLR H . -17.93 29.73 -22.69
C21 CLR H . -16.70 30.50 -23.12
C22 CLR H . -18.03 28.41 -23.46
C23 CLR H . -17.29 27.27 -22.86
C24 CLR H . -16.78 26.30 -23.89
C25 CLR H . -16.13 25.03 -23.33
C26 CLR H . -15.62 24.16 -24.46
C27 CLR H . -17.11 24.26 -22.46
O1 CLR H . -23.29 39.72 -22.71
C1 CLR I . -24.42 6.24 -12.53
C2 CLR I . -24.08 4.83 -13.02
C3 CLR I . -24.96 4.44 -14.18
C4 CLR I . -24.84 5.43 -15.31
C5 CLR I . -25.09 6.86 -14.84
C6 CLR I . -25.96 7.63 -15.48
C7 CLR I . -26.23 9.06 -15.16
C8 CLR I . -25.20 9.65 -14.22
C9 CLR I . -24.89 8.65 -13.09
C10 CLR I . -24.30 7.32 -13.62
C11 CLR I . -24.03 9.29 -11.99
C12 CLR I . -24.57 10.64 -11.47
C13 CLR I . -24.77 11.63 -12.61
C14 CLR I . -25.72 10.95 -13.62
C15 CLR I . -26.13 12.08 -14.56
C16 CLR I . -26.23 13.31 -13.63
C17 CLR I . -25.59 12.90 -12.27
C18 CLR I . -23.43 12.03 -13.24
C19 CLR I . -22.83 7.49 -14.03
C20 CLR I . -24.90 14.10 -11.60
C21 CLR I . -24.02 13.69 -10.42
C22 CLR I . -25.95 15.11 -11.14
C23 CLR I . -25.81 16.48 -11.73
C24 CLR I . -26.73 17.48 -11.10
C25 CLR I . -26.19 18.90 -11.02
C26 CLR I . -27.14 19.81 -10.27
C27 CLR I . -25.90 19.45 -12.41
O1 CLR I . -24.60 3.13 -14.65
C1 CLR J . -23.00 35.88 8.03
C2 CLR J . -23.39 37.34 8.27
C3 CLR J . -24.60 37.71 7.45
C4 CLR J . -25.75 36.80 7.84
C5 CLR J . -25.41 35.34 7.67
C6 CLR J . -26.20 34.53 6.99
C7 CLR J . -26.03 33.05 6.86
C8 CLR J . -24.89 32.50 7.71
C9 CLR J . -23.72 33.49 7.74
C10 CLR J . -24.12 34.86 8.33
C11 CLR J . -22.48 32.88 8.42
C12 CLR J . -22.07 31.52 7.83
C13 CLR J . -23.23 30.52 7.87
C14 CLR J . -24.42 31.17 7.15
C15 CLR J . -25.42 30.04 6.99
C16 CLR J . -24.54 28.80 6.78
C17 CLR J . -23.07 29.24 7.02
C18 CLR J . -23.56 30.15 9.33
C19 CLR J . -24.36 34.79 9.86
C20 CLR J . -22.20 28.08 7.50
C21 CLR J . -20.89 28.52 8.14
C22 CLR J . -21.94 27.11 6.34
C23 CLR J . -22.86 25.93 6.28
C24 CLR J . -22.17 24.65 6.66
C25 CLR J . -21.62 24.60 8.08
C26 CLR J . -20.77 23.35 8.28
C27 CLR J . -22.75 24.65 9.09
O1 CLR J . -24.95 39.08 7.69
C1 PLM K . -33.52 36.01 0.86
O1 PLM K . -33.97 34.86 1.06
O2 PLM K . -32.57 36.49 1.50
C2 PLM K . -34.17 36.84 -0.23
C3 PLM K . -33.93 36.34 -1.62
C4 PLM K . -32.47 36.05 -1.90
C5 PLM K . -32.13 34.58 -1.95
C6 PLM K . -31.22 34.12 -0.84
C7 PLM K . -30.68 32.74 -1.03
C8 PLM K . -31.37 31.67 -0.23
C9 PLM K . -30.75 30.30 -0.38
CA PLM K . -29.56 30.27 -1.29
CB PLM K . -28.67 29.07 -1.11
CC PLM K . -29.42 27.77 -1.00
CD PLM K . -29.12 26.99 0.26
CE PLM K . -28.48 25.64 0.03
CF PLM K . -27.10 25.71 -0.56
CG PLM K . -26.10 26.46 0.29
C1 PLM L . -6.30 45.46 7.69
O1 PLM L . -6.53 44.97 8.82
O2 PLM L . -5.36 46.28 7.51
C2 PLM L . -7.18 45.05 6.51
C3 PLM L . -7.14 43.55 6.26
C4 PLM L . -5.77 43.05 5.83
C5 PLM L . -5.76 41.55 5.61
C6 PLM L . -4.36 40.95 5.57
C7 PLM L . -4.38 39.47 5.95
C8 PLM L . -2.99 38.84 5.91
C9 PLM L . -2.97 37.50 6.66
CA PLM L . -1.75 36.66 6.31
CB PLM L . -1.98 35.80 5.07
CC PLM L . -0.70 35.58 4.27
CD PLM L . -0.02 34.24 4.61
CE PLM L . 1.43 34.26 4.16
CF PLM L . 1.91 32.87 3.73
CG PLM L . 2.72 32.95 2.44
C1 PLM M . -2.48 47.89 4.49
O1 PLM M . -2.74 47.46 5.64
O2 PLM M . -1.57 48.74 4.30
C2 PLM M . -3.29 47.37 3.31
C3 PLM M . -3.17 45.86 3.15
C4 PLM M . -1.76 45.40 2.80
C5 PLM M . -1.69 43.88 2.68
C6 PLM M . -0.26 43.35 2.74
C7 PLM M . -0.24 41.89 3.20
C8 PLM M . 1.18 41.32 3.26
C9 PLM M . 1.23 40.04 4.09
CA PLM M . 2.50 39.24 3.85
CB PLM M . 2.36 38.29 2.66
CC PLM M . 3.68 38.07 1.93
CD PLM M . 4.39 36.80 2.38
CE PLM M . 5.87 36.85 1.99
CF PLM M . 6.42 35.47 1.67
CG PLM M . 7.28 35.50 0.41
#